data_5M63
#
_entry.id   5M63
#
_cell.length_a   135.341
_cell.length_b   142.231
_cell.length_c   144.732
_cell.angle_alpha   90.00
_cell.angle_beta   90.00
_cell.angle_gamma   90.00
#
_symmetry.space_group_name_H-M   'C 2 2 21'
#
loop_
_entity.id
_entity.type
_entity.pdbx_description
1 polymer 'H chain of Fab NVS-1-19-5'
2 polymer 'L chain of Fab NVS-1-19-5'
3 branched 'N-acetyl-alpha-neuraminic acid-(2-3)-beta-D-galactopyranose'
4 branched 'N-acetyl-alpha-neuraminic acid-(2-3)-beta-D-galactopyranose-(1-4)-[beta-D-galactopyranose-(1-4)-beta-D-glucopyranose-(1-6)]2-acetamido-2-deoxy-beta-D-glucopyranose-(1-3)-beta-D-galactopyranose-(1-4)-beta-D-glucopyranose'
5 non-polymer 1,2-ETHANEDIOL
6 non-polymer (2~{R},3~{R},4~{S},5~{S})-2-[bis(oxidanyl)methyl]-5-(hydroxymethyl)oxolane-3,4-diol
7 water water
#
loop_
_entity_poly.entity_id
_entity_poly.type
_entity_poly.pdbx_seq_one_letter_code
_entity_poly.pdbx_strand_id
1 'polypeptide(L)'
;METGLRWLLLVAVLKGVQCQSLEESGGDLVKPGASLTLTCKASGLDLPSYFMCWVRQAPGKGLEWIACIRSSSNEILYYA
SWAKGRFTISKTSSTTVTLQMTSLTAADTATYFCARDYFGEGDVFYHGGVFGLWGSGTLVTVSSGQPKAPSVFPLAPCCG
DTPSSTVTLGCLVKGYLPEPVTVTWNSGTLTNGVRTFPSVRQSSGLYSLSSVVSVTSSSQPVTCNVAHPATNTKVDKTVA
PSTCSKPT
;
H,M
2 'polypeptide(L)'
;MDTRAPTQLLGLLLLWLPGATFAVVLTQTPSSVSAAVGGSVTISCQSSQSLYNNNRLAWYQQKAGQPPKLLIYKASTLES
GVPSRFKGSGAGTQFTLTISDVVCDDAATYYCAGYKSNSDDGTAFGGGTEVVVKGDPVAPTVLIFPPAADQVATGTVTIV
CVANKYFPDVTVTWEVDGTTQTTGIENSKTPQNSADCTYNLSSTLTLTSTQYNSHKEYTCKVTQGTTSVVQSFNRGDCA
;
L,N
#
# COMPACT_ATOMS: atom_id res chain seq x y z
N GLN A 20 -34.49 -0.15 7.02
CA GLN A 20 -33.13 0.05 6.45
C GLN A 20 -32.10 -0.31 7.48
N SER A 21 -31.66 -1.55 7.41
CA SER A 21 -30.41 -1.92 8.04
C SER A 21 -29.77 -3.02 7.22
N LEU A 22 -28.45 -3.04 7.24
CA LEU A 22 -27.68 -4.13 6.71
C LEU A 22 -27.02 -4.74 7.93
N GLU A 23 -27.14 -6.07 8.07
CA GLU A 23 -26.51 -6.79 9.17
C GLU A 23 -25.64 -7.87 8.55
N GLU A 24 -24.33 -7.69 8.67
CA GLU A 24 -23.37 -8.63 8.09
C GLU A 24 -23.14 -9.72 9.12
N SER A 25 -22.93 -10.93 8.64
CA SER A 25 -22.64 -12.06 9.52
C SER A 25 -21.67 -13.03 8.84
N GLY A 26 -20.91 -13.75 9.66
CA GLY A 26 -19.93 -14.71 9.20
C GLY A 26 -18.64 -14.53 9.97
N GLY A 27 -17.76 -15.51 9.85
CA GLY A 27 -16.39 -15.38 10.36
C GLY A 27 -16.12 -15.55 11.83
N ASP A 28 -15.96 -16.83 12.27
CA ASP A 28 -15.20 -17.20 13.49
C ASP A 28 -13.72 -16.74 13.17
N LEU A 29 -12.83 -17.10 14.08
CA LEU A 29 -11.41 -17.09 13.86
C LEU A 29 -11.13 -18.28 12.98
N VAL A 30 -10.29 -18.10 11.96
CA VAL A 30 -9.96 -19.19 11.03
C VAL A 30 -8.48 -19.34 10.78
N LYS A 31 -8.04 -20.55 10.43
CA LYS A 31 -6.63 -20.80 10.21
C LYS A 31 -6.24 -20.31 8.81
N PRO A 32 -4.99 -19.82 8.62
CA PRO A 32 -4.55 -19.42 7.27
C PRO A 32 -4.66 -20.59 6.33
N GLY A 33 -5.15 -20.33 5.13
CA GLY A 33 -5.43 -21.38 4.15
C GLY A 33 -6.91 -21.64 3.96
N ALA A 34 -7.72 -21.26 4.94
CA ALA A 34 -9.12 -21.65 4.99
C ALA A 34 -9.97 -20.73 4.18
N SER A 35 -11.21 -21.15 3.97
CA SER A 35 -12.23 -20.41 3.25
C SER A 35 -13.34 -20.06 4.21
N LEU A 36 -14.13 -19.07 3.85
CA LEU A 36 -15.12 -18.51 4.73
C LEU A 36 -16.11 -17.71 3.91
N THR A 37 -17.37 -17.73 4.32
CA THR A 37 -18.44 -17.04 3.60
C THR A 37 -19.14 -16.05 4.53
N LEU A 38 -19.19 -14.80 4.11
CA LEU A 38 -19.92 -13.76 4.81
C LEU A 38 -21.25 -13.57 4.12
N THR A 39 -22.26 -13.13 4.88
CA THR A 39 -23.60 -12.85 4.38
C THR A 39 -24.02 -11.47 4.84
N CYS A 40 -24.94 -10.86 4.09
CA CYS A 40 -25.43 -9.52 4.41
C CYS A 40 -26.93 -9.53 4.23
N LYS A 41 -27.68 -9.48 5.34
CA LYS A 41 -29.13 -9.48 5.27
C LYS A 41 -29.60 -8.04 5.31
N ALA A 42 -30.65 -7.76 4.55
CA ALA A 42 -31.17 -6.41 4.38
C ALA A 42 -32.59 -6.34 4.94
N SER A 43 -32.87 -5.30 5.71
CA SER A 43 -34.17 -5.10 6.37
C SER A 43 -34.81 -3.82 5.84
N GLY A 44 -36.01 -3.94 5.27
CA GLY A 44 -36.77 -2.79 4.75
C GLY A 44 -36.19 -2.21 3.46
N LEU A 45 -35.74 -3.09 2.57
CA LEU A 45 -35.10 -2.72 1.29
C LEU A 45 -34.69 -3.97 0.51
N ASP A 46 -34.96 -3.95 -0.80
CA ASP A 46 -34.64 -5.07 -1.72
C ASP A 46 -33.31 -4.83 -2.42
N LEU A 47 -32.41 -5.82 -2.37
CA LEU A 47 -31.02 -5.64 -2.83
C LEU A 47 -30.75 -5.67 -4.36
N PRO A 48 -31.44 -6.54 -5.14
CA PRO A 48 -31.12 -6.69 -6.58
C PRO A 48 -31.08 -5.42 -7.46
N SER A 49 -31.94 -4.43 -7.21
CA SER A 49 -31.99 -3.19 -8.03
C SER A 49 -30.91 -2.14 -7.71
N TYR A 50 -30.12 -2.36 -6.65
CA TYR A 50 -29.04 -1.42 -6.30
C TYR A 50 -27.69 -2.11 -6.39
N PHE A 51 -26.65 -1.30 -6.54
CA PHE A 51 -25.28 -1.82 -6.49
C PHE A 51 -24.83 -2.02 -5.04
N MET A 52 -24.76 -3.29 -4.64
CA MET A 52 -24.37 -3.65 -3.28
C MET A 52 -22.92 -4.07 -3.29
N CYS A 53 -22.13 -3.48 -2.41
CA CYS A 53 -20.70 -3.74 -2.34
C CYS A 53 -20.23 -4.33 -0.97
N TRP A 54 -19.01 -4.85 -0.95
CA TRP A 54 -18.33 -5.22 0.29
C TRP A 54 -17.11 -4.31 0.39
N VAL A 55 -16.83 -3.82 1.59
CA VAL A 55 -15.64 -3.01 1.87
C VAL A 55 -14.99 -3.61 3.12
N ARG A 56 -13.68 -3.39 3.33
CA ARG A 56 -13.05 -3.87 4.56
C ARG A 56 -12.06 -2.88 5.14
N GLN A 57 -11.82 -3.01 6.43
CA GLN A 57 -10.88 -2.18 7.15
C GLN A 57 -10.05 -3.01 8.14
N ALA A 58 -8.75 -3.12 7.90
CA ALA A 58 -7.86 -3.84 8.79
C ALA A 58 -7.66 -3.02 10.06
N PRO A 59 -7.35 -3.68 11.19
CA PRO A 59 -7.19 -2.91 12.42
C PRO A 59 -6.18 -1.77 12.25
N GLY A 60 -6.63 -0.56 12.54
CA GLY A 60 -5.77 0.63 12.51
C GLY A 60 -5.29 1.06 11.14
N LYS A 61 -6.08 0.74 10.11
CA LYS A 61 -5.70 0.96 8.72
C LYS A 61 -6.90 1.53 7.98
N GLY A 62 -6.73 1.79 6.68
CA GLY A 62 -7.78 2.42 5.89
C GLY A 62 -8.80 1.48 5.28
N LEU A 63 -9.82 2.08 4.68
CA LEU A 63 -10.85 1.37 3.95
C LEU A 63 -10.28 0.83 2.64
N GLU A 64 -10.78 -0.33 2.23
CA GLU A 64 -10.33 -1.02 1.02
C GLU A 64 -11.60 -1.57 0.38
N TRP A 65 -11.97 -1.05 -0.78
CA TRP A 65 -13.11 -1.56 -1.57
C TRP A 65 -12.80 -2.94 -2.14
N ILE A 66 -13.80 -3.83 -2.14
CA ILE A 66 -13.63 -5.21 -2.60
C ILE A 66 -14.38 -5.52 -3.91
N ALA A 67 -15.69 -5.29 -3.95
CA ALA A 67 -16.52 -5.71 -5.09
C ALA A 67 -17.94 -5.15 -5.02
N CYS A 68 -18.61 -4.95 -6.16
CA CYS A 68 -20.07 -4.61 -6.18
C CYS A 68 -20.84 -5.55 -7.06
N ILE A 69 -22.14 -5.63 -6.82
CA ILE A 69 -23.03 -6.47 -7.62
C ILE A 69 -24.42 -5.83 -7.71
N ARG A 70 -24.97 -5.82 -8.92
CA ARG A 70 -26.38 -5.56 -9.15
C ARG A 70 -26.94 -6.80 -9.84
N SER A 71 -27.94 -7.44 -9.24
CA SER A 71 -28.43 -8.77 -9.63
C SER A 71 -29.50 -8.73 -10.72
N SER A 72 -30.35 -7.69 -10.70
CA SER A 72 -31.46 -7.56 -11.66
C SER A 72 -30.98 -7.12 -13.06
N SER A 73 -31.94 -7.00 -13.98
CA SER A 73 -31.70 -6.52 -15.34
C SER A 73 -30.51 -7.28 -15.97
N ASN A 74 -29.51 -6.57 -16.48
CA ASN A 74 -28.23 -7.20 -16.84
C ASN A 74 -27.42 -7.24 -15.55
N GLU A 75 -27.06 -8.47 -15.15
CA GLU A 75 -26.26 -8.74 -13.96
C GLU A 75 -24.86 -8.15 -14.12
N ILE A 76 -24.49 -7.18 -13.27
CA ILE A 76 -23.15 -6.55 -13.29
C ILE A 76 -22.36 -6.89 -12.00
N LEU A 77 -21.13 -7.33 -12.19
CA LEU A 77 -20.18 -7.64 -11.13
C LEU A 77 -18.88 -6.91 -11.45
N TYR A 78 -18.25 -6.34 -10.44
CA TYR A 78 -16.87 -5.93 -10.57
C TYR A 78 -16.11 -5.99 -9.26
N TYR A 79 -14.81 -6.20 -9.40
CA TYR A 79 -13.92 -6.56 -8.31
C TYR A 79 -12.69 -5.65 -8.22
N ALA A 80 -12.01 -5.70 -7.09
CA ALA A 80 -10.67 -5.12 -6.96
C ALA A 80 -9.71 -6.11 -7.60
N SER A 81 -8.57 -5.61 -8.08
CA SER A 81 -7.56 -6.45 -8.73
C SER A 81 -7.06 -7.56 -7.86
N TRP A 82 -6.86 -7.25 -6.57
CA TRP A 82 -6.44 -8.21 -5.54
C TRP A 82 -7.53 -9.19 -5.05
N ALA A 83 -8.78 -8.90 -5.36
CA ALA A 83 -9.92 -9.74 -4.98
C ALA A 83 -10.30 -10.79 -6.03
N LYS A 84 -10.29 -10.42 -7.32
CA LYS A 84 -10.83 -11.26 -8.38
C LYS A 84 -10.00 -12.51 -8.54
N GLY A 85 -10.65 -13.68 -8.54
CA GLY A 85 -9.96 -14.97 -8.54
C GLY A 85 -9.84 -15.61 -7.16
N ARG A 86 -9.94 -14.82 -6.10
CA ARG A 86 -9.83 -15.32 -4.72
C ARG A 86 -11.12 -15.16 -3.93
N PHE A 87 -11.80 -14.04 -4.12
CA PHE A 87 -13.06 -13.72 -3.47
C PHE A 87 -14.13 -13.73 -4.55
N THR A 88 -15.35 -14.15 -4.20
CA THR A 88 -16.47 -14.17 -5.14
C THR A 88 -17.68 -13.54 -4.49
N ILE A 89 -18.20 -12.47 -5.11
CA ILE A 89 -19.40 -11.82 -4.64
C ILE A 89 -20.58 -12.46 -5.36
N SER A 90 -21.70 -12.59 -4.65
CA SER A 90 -22.91 -13.15 -5.27
C SER A 90 -24.17 -12.79 -4.50
N LYS A 91 -25.32 -13.16 -5.07
CA LYS A 91 -26.64 -12.94 -4.50
C LYS A 91 -27.28 -14.31 -4.29
N THR A 92 -27.67 -14.61 -3.05
CA THR A 92 -28.38 -15.86 -2.72
C THR A 92 -29.89 -15.68 -2.51
N SER A 93 -30.35 -14.44 -2.32
CA SER A 93 -31.78 -14.12 -2.23
C SER A 93 -32.03 -12.64 -2.61
N SER A 94 -33.29 -12.22 -2.57
CA SER A 94 -33.64 -10.82 -2.80
C SER A 94 -33.26 -9.89 -1.64
N THR A 95 -32.93 -10.45 -0.46
CA THR A 95 -32.46 -9.67 0.69
C THR A 95 -31.08 -10.09 1.22
N THR A 96 -30.36 -10.94 0.48
CA THR A 96 -29.01 -11.34 0.88
C THR A 96 -27.97 -11.32 -0.27
N VAL A 97 -26.78 -10.79 0.06
CA VAL A 97 -25.59 -10.86 -0.79
C VAL A 97 -24.46 -11.49 0.02
N THR A 98 -23.65 -12.30 -0.65
CA THR A 98 -22.56 -13.05 -0.01
C THR A 98 -21.18 -12.67 -0.55
N LEU A 99 -20.17 -13.07 0.22
CA LEU A 99 -18.79 -12.95 -0.19
C LEU A 99 -18.13 -14.26 0.17
N GLN A 100 -17.71 -15.03 -0.84
CA GLN A 100 -16.97 -16.27 -0.62
C GLN A 100 -15.49 -15.93 -0.70
N MET A 101 -14.80 -16.03 0.43
CA MET A 101 -13.38 -15.81 0.50
C MET A 101 -12.69 -17.16 0.45
N THR A 102 -11.46 -17.17 -0.03
CA THR A 102 -10.72 -18.39 -0.28
C THR A 102 -9.24 -18.13 -0.01
N SER A 103 -8.50 -19.18 0.33
CA SER A 103 -7.05 -19.05 0.54
C SER A 103 -6.74 -17.84 1.44
N LEU A 104 -7.42 -17.79 2.59
CA LEU A 104 -7.30 -16.65 3.49
C LEU A 104 -5.95 -16.61 4.16
N THR A 105 -5.41 -15.40 4.33
CA THR A 105 -4.10 -15.15 4.94
C THR A 105 -4.29 -14.20 6.10
N ALA A 106 -3.25 -14.04 6.91
CA ALA A 106 -3.30 -13.14 8.09
C ALA A 106 -3.64 -11.68 7.72
N ALA A 107 -3.24 -11.24 6.52
CA ALA A 107 -3.57 -9.88 6.06
C ALA A 107 -5.03 -9.67 5.71
N ASP A 108 -5.81 -10.73 5.64
CA ASP A 108 -7.25 -10.60 5.39
C ASP A 108 -8.04 -10.34 6.69
N THR A 109 -7.34 -10.30 7.83
CA THR A 109 -7.95 -9.96 9.11
C THR A 109 -8.39 -8.51 9.04
N ALA A 110 -9.70 -8.30 9.11
CA ALA A 110 -10.28 -6.97 9.07
C ALA A 110 -11.75 -7.04 9.49
N THR A 111 -12.39 -5.88 9.66
CA THR A 111 -13.83 -5.80 9.70
C THR A 111 -14.36 -5.66 8.26
N TYR A 112 -15.33 -6.51 7.88
CA TYR A 112 -15.87 -6.54 6.53
C TYR A 112 -17.27 -5.94 6.51
N PHE A 113 -17.36 -4.72 5.99
CA PHE A 113 -18.64 -4.02 5.85
C PHE A 113 -19.37 -4.41 4.57
N CYS A 114 -20.65 -4.10 4.56
CA CYS A 114 -21.53 -4.30 3.42
C CYS A 114 -22.27 -2.97 3.21
N ALA A 115 -22.30 -2.44 1.98
CA ALA A 115 -22.90 -1.13 1.72
C ALA A 115 -23.65 -1.04 0.37
N ARG A 116 -24.42 0.03 0.22
CA ARG A 116 -25.18 0.29 -1.00
C ARG A 116 -24.60 1.50 -1.74
N ASP A 117 -24.10 1.25 -2.95
CA ASP A 117 -23.63 2.31 -3.84
C ASP A 117 -24.86 2.83 -4.58
N TYR A 118 -25.28 4.04 -4.24
CA TYR A 118 -26.49 4.65 -4.80
C TYR A 118 -26.57 6.12 -4.39
N PHE A 119 -27.05 6.96 -5.30
CA PHE A 119 -27.52 8.29 -4.95
C PHE A 119 -28.64 8.65 -5.91
N GLY A 120 -29.55 9.51 -5.46
CA GLY A 120 -30.73 9.93 -6.23
C GLY A 120 -30.59 11.36 -6.71
N GLU A 121 -31.22 11.66 -7.84
CA GLU A 121 -31.27 13.00 -8.40
C GLU A 121 -32.61 13.20 -9.13
N GLY A 122 -33.65 13.46 -8.35
CA GLY A 122 -35.00 13.68 -8.89
C GLY A 122 -35.64 12.38 -9.34
N ASP A 123 -36.08 12.33 -10.62
CA ASP A 123 -36.71 11.12 -11.18
C ASP A 123 -35.71 10.00 -11.56
N VAL A 124 -34.43 10.15 -11.19
CA VAL A 124 -33.34 9.28 -11.68
C VAL A 124 -32.38 8.77 -10.59
N PHE A 125 -31.94 7.52 -10.74
CA PHE A 125 -30.97 6.90 -9.84
C PHE A 125 -29.61 6.79 -10.54
N TYR A 126 -28.55 6.93 -9.75
CA TYR A 126 -27.19 6.82 -10.20
C TYR A 126 -26.43 6.00 -9.17
N HIS A 127 -25.13 5.86 -9.38
CA HIS A 127 -24.21 5.33 -8.36
C HIS A 127 -22.75 5.59 -8.77
N GLY A 128 -21.85 5.43 -7.82
CA GLY A 128 -20.44 5.63 -8.08
C GLY A 128 -19.67 6.13 -6.89
N GLY A 129 -19.21 5.17 -6.07
CA GLY A 129 -18.52 5.45 -4.81
C GLY A 129 -19.31 6.24 -3.79
N VAL A 130 -20.65 6.16 -3.85
CA VAL A 130 -21.54 6.93 -2.96
C VAL A 130 -22.25 5.93 -2.03
N PHE A 131 -21.62 5.69 -0.89
CA PHE A 131 -22.05 4.69 0.10
C PHE A 131 -22.82 5.35 1.26
N GLY A 132 -24.11 5.60 1.04
CA GLY A 132 -24.95 6.22 2.05
C GLY A 132 -25.38 5.27 3.18
N LEU A 133 -25.53 3.99 2.85
CA LEU A 133 -26.09 2.97 3.72
C LEU A 133 -25.08 1.84 3.94
N TRP A 134 -24.72 1.61 5.22
CA TRP A 134 -23.69 0.65 5.65
C TRP A 134 -24.23 -0.25 6.78
N GLY A 135 -23.76 -1.48 6.86
CA GLY A 135 -23.97 -2.29 8.07
C GLY A 135 -22.86 -2.08 9.10
N SER A 136 -23.02 -2.68 10.29
CA SER A 136 -22.12 -2.44 11.43
C SER A 136 -20.76 -3.14 11.29
N GLY A 137 -20.75 -4.25 10.54
CA GLY A 137 -19.53 -5.02 10.27
C GLY A 137 -19.44 -6.35 11.01
N THR A 138 -18.54 -7.21 10.51
CA THR A 138 -18.34 -8.58 10.99
C THR A 138 -16.85 -8.84 10.93
N LEU A 139 -16.24 -9.03 12.09
CA LEU A 139 -14.79 -9.15 12.19
C LEU A 139 -14.38 -10.55 11.79
N VAL A 140 -13.47 -10.64 10.84
CA VAL A 140 -12.92 -11.89 10.36
C VAL A 140 -11.51 -11.86 10.86
N THR A 141 -11.06 -12.97 11.43
CA THR A 141 -9.77 -13.03 12.08
C THR A 141 -9.12 -14.29 11.58
N VAL A 142 -7.99 -14.12 10.89
CA VAL A 142 -7.22 -15.20 10.34
C VAL A 142 -5.96 -15.30 11.15
N SER A 143 -5.74 -16.44 11.80
CA SER A 143 -4.64 -16.59 12.74
C SER A 143 -4.54 -18.06 13.08
N SER A 144 -3.32 -18.52 13.33
CA SER A 144 -3.10 -19.90 13.79
C SER A 144 -3.44 -20.09 15.29
N GLY A 145 -3.53 -19.00 16.05
CA GLY A 145 -3.78 -19.05 17.48
C GLY A 145 -5.09 -19.72 17.84
N GLN A 146 -5.15 -20.28 19.06
CA GLN A 146 -6.37 -20.85 19.66
C GLN A 146 -7.20 -19.74 20.34
N PRO A 147 -8.54 -19.76 20.19
CA PRO A 147 -9.40 -18.80 20.89
C PRO A 147 -9.24 -18.84 22.40
N LYS A 148 -9.44 -17.70 23.04
CA LYS A 148 -9.27 -17.56 24.49
C LYS A 148 -10.25 -16.54 25.04
N ALA A 149 -11.00 -16.92 26.06
CA ALA A 149 -11.89 -15.99 26.72
C ALA A 149 -11.05 -15.10 27.66
N PRO A 150 -11.52 -13.87 27.93
CA PRO A 150 -10.72 -12.97 28.75
C PRO A 150 -10.77 -13.29 30.24
N SER A 151 -9.61 -13.20 30.91
CA SER A 151 -9.61 -13.03 32.36
C SER A 151 -10.04 -11.59 32.63
N VAL A 152 -11.00 -11.40 33.53
CA VAL A 152 -11.46 -10.09 33.94
C VAL A 152 -11.09 -9.84 35.42
N PHE A 153 -10.55 -8.66 35.69
CA PHE A 153 -10.15 -8.25 37.02
C PHE A 153 -10.75 -6.89 37.36
N PRO A 154 -11.13 -6.65 38.64
CA PRO A 154 -11.59 -5.32 39.02
C PRO A 154 -10.44 -4.33 39.11
N LEU A 155 -10.74 -3.07 38.83
CA LEU A 155 -9.79 -1.96 38.99
C LEU A 155 -10.33 -1.03 40.07
N ALA A 156 -9.68 -1.01 41.23
CA ALA A 156 -10.04 -0.04 42.29
C ALA A 156 -8.81 0.66 42.86
N PRO A 157 -9.00 1.85 43.47
CA PRO A 157 -7.88 2.54 44.14
C PRO A 157 -7.31 1.77 45.33
N CYS A 158 -6.04 2.03 45.63
CA CYS A 158 -5.34 1.34 46.73
C CYS A 158 -6.04 1.62 48.06
N CYS A 159 -6.13 0.56 48.88
CA CYS A 159 -7.04 0.52 50.02
C CYS A 159 -6.57 1.36 51.23
N GLY A 160 -5.30 1.78 51.21
CA GLY A 160 -4.79 2.81 52.15
C GLY A 160 -5.13 4.27 51.84
N ASP A 161 -5.81 4.55 50.72
CA ASP A 161 -6.32 5.90 50.39
C ASP A 161 -7.60 6.24 51.15
N THR A 162 -7.85 7.54 51.35
CA THR A 162 -9.06 8.03 52.04
C THR A 162 -10.24 8.00 51.06
N PRO A 163 -11.41 7.42 51.47
CA PRO A 163 -12.58 7.45 50.57
C PRO A 163 -13.01 8.88 50.23
N SER A 164 -13.19 9.15 48.94
CA SER A 164 -13.54 10.49 48.46
C SER A 164 -15.04 10.57 48.10
N SER A 165 -15.46 11.77 47.67
CA SER A 165 -16.85 12.03 47.24
C SER A 165 -17.24 11.23 45.97
N THR A 166 -16.41 11.40 44.93
CA THR A 166 -16.49 10.59 43.71
C THR A 166 -15.39 9.52 43.74
N VAL A 167 -15.47 8.56 42.82
CA VAL A 167 -14.49 7.49 42.74
C VAL A 167 -14.46 6.90 41.33
N THR A 168 -13.25 6.56 40.88
CA THR A 168 -13.08 5.94 39.58
C THR A 168 -12.78 4.47 39.78
N LEU A 169 -13.67 3.64 39.23
CA LEU A 169 -13.55 2.19 39.29
C LEU A 169 -13.62 1.65 37.87
N GLY A 170 -12.99 0.51 37.64
CA GLY A 170 -12.99 -0.10 36.33
C GLY A 170 -12.87 -1.61 36.26
N CYS A 171 -12.76 -2.09 35.02
CA CYS A 171 -12.55 -3.49 34.67
C CYS A 171 -11.37 -3.63 33.72
N LEU A 172 -10.49 -4.56 34.04
CA LEU A 172 -9.39 -4.91 33.18
C LEU A 172 -9.75 -6.23 32.50
N VAL A 173 -9.86 -6.20 31.18
CA VAL A 173 -10.18 -7.37 30.38
C VAL A 173 -8.87 -7.86 29.75
N LYS A 174 -8.30 -8.92 30.31
CA LYS A 174 -6.92 -9.33 29.98
C LYS A 174 -6.84 -10.61 29.19
N GLY A 175 -6.04 -10.58 28.12
CA GLY A 175 -5.63 -11.78 27.38
C GLY A 175 -6.72 -12.59 26.68
N TYR A 176 -7.38 -11.97 25.71
CA TYR A 176 -8.43 -12.63 24.91
C TYR A 176 -8.11 -12.65 23.40
N LEU A 177 -8.75 -13.60 22.70
CA LEU A 177 -8.58 -13.80 21.27
C LEU A 177 -9.75 -14.61 20.76
N PRO A 178 -10.34 -14.28 19.60
CA PRO A 178 -10.10 -13.09 18.82
C PRO A 178 -10.84 -11.85 19.36
N GLU A 179 -10.68 -10.73 18.66
CA GLU A 179 -11.55 -9.56 18.85
C GLU A 179 -12.89 -9.87 18.21
N PRO A 180 -13.96 -9.13 18.55
CA PRO A 180 -14.00 -8.09 19.57
C PRO A 180 -14.55 -8.60 20.92
N VAL A 181 -14.33 -7.78 21.96
CA VAL A 181 -15.10 -7.82 23.21
C VAL A 181 -15.89 -6.54 23.33
N THR A 182 -17.05 -6.61 23.98
CA THR A 182 -17.89 -5.45 24.25
C THR A 182 -18.09 -5.30 25.76
N VAL A 183 -17.88 -4.09 26.26
CA VAL A 183 -17.99 -3.75 27.68
C VAL A 183 -19.15 -2.78 27.87
N THR A 184 -20.13 -3.17 28.68
CA THR A 184 -21.17 -2.25 29.12
C THR A 184 -21.13 -2.14 30.67
N TRP A 185 -21.91 -1.23 31.24
CA TRP A 185 -21.99 -1.06 32.70
C TRP A 185 -23.45 -1.08 33.18
N ASN A 186 -23.75 -1.93 34.17
CA ASN A 186 -25.12 -2.15 34.66
C ASN A 186 -26.13 -2.39 33.51
N SER A 187 -25.77 -3.31 32.61
CA SER A 187 -26.60 -3.68 31.46
C SER A 187 -26.95 -2.49 30.53
N GLY A 188 -26.05 -1.52 30.42
CA GLY A 188 -26.25 -0.35 29.55
C GLY A 188 -27.11 0.77 30.11
N THR A 189 -27.41 0.74 31.40
CA THR A 189 -28.16 1.83 32.02
C THR A 189 -27.18 2.94 32.43
N LEU A 190 -26.08 2.56 33.07
CA LEU A 190 -25.01 3.50 33.42
C LEU A 190 -24.15 3.80 32.17
N THR A 191 -24.43 4.94 31.53
CA THR A 191 -23.69 5.40 30.33
C THR A 191 -22.74 6.55 30.64
N ASN A 192 -23.16 7.49 31.48
CA ASN A 192 -22.39 8.71 31.76
C ASN A 192 -21.21 8.44 32.69
N GLY A 193 -20.07 9.05 32.38
CA GLY A 193 -18.82 8.83 33.10
C GLY A 193 -17.96 7.67 32.61
N VAL A 194 -18.40 6.96 31.54
CA VAL A 194 -17.77 5.70 31.10
C VAL A 194 -16.70 5.95 30.04
N ARG A 195 -15.52 5.38 30.26
CA ARG A 195 -14.40 5.53 29.34
C ARG A 195 -13.82 4.16 29.03
N THR A 196 -14.16 3.62 27.85
CA THR A 196 -13.69 2.30 27.42
C THR A 196 -12.60 2.49 26.37
N PHE A 197 -11.39 2.03 26.67
CA PHE A 197 -10.21 2.25 25.86
C PHE A 197 -10.11 1.19 24.75
N PRO A 198 -9.47 1.54 23.61
CA PRO A 198 -9.18 0.58 22.55
C PRO A 198 -8.34 -0.60 23.00
N SER A 199 -8.54 -1.75 22.37
CA SER A 199 -7.75 -2.94 22.67
C SER A 199 -6.30 -2.77 22.22
N VAL A 200 -5.38 -3.46 22.89
CA VAL A 200 -3.98 -3.53 22.44
C VAL A 200 -3.50 -4.96 22.38
N ARG A 201 -2.83 -5.30 21.28
CA ARG A 201 -2.31 -6.64 21.06
C ARG A 201 -1.01 -6.78 21.86
N GLN A 202 -0.83 -7.94 22.48
CA GLN A 202 0.43 -8.28 23.14
C GLN A 202 1.43 -8.82 22.11
N SER A 203 2.65 -9.10 22.59
CA SER A 203 3.67 -9.82 21.83
C SER A 203 3.20 -11.24 21.52
N SER A 204 2.57 -11.88 22.51
CA SER A 204 2.02 -13.24 22.40
C SER A 204 0.89 -13.40 21.37
N GLY A 205 0.10 -12.35 21.17
CA GLY A 205 -1.02 -12.38 20.22
C GLY A 205 -2.36 -12.08 20.85
N LEU A 206 -2.43 -12.18 22.18
CA LEU A 206 -3.68 -11.91 22.90
C LEU A 206 -3.94 -10.41 23.04
N TYR A 207 -5.22 -10.07 23.12
CA TYR A 207 -5.64 -8.68 23.32
C TYR A 207 -5.93 -8.40 24.83
N SER A 208 -5.64 -7.18 25.26
CA SER A 208 -6.06 -6.67 26.57
C SER A 208 -6.83 -5.38 26.36
N LEU A 209 -7.69 -5.03 27.32
CA LEU A 209 -8.55 -3.85 27.21
C LEU A 209 -9.03 -3.32 28.59
N SER A 210 -9.17 -2.00 28.74
CA SER A 210 -9.59 -1.39 30.02
C SER A 210 -10.88 -0.61 29.85
N SER A 211 -11.72 -0.60 30.87
CA SER A 211 -12.88 0.30 30.91
C SER A 211 -13.02 0.84 32.33
N VAL A 212 -13.13 2.16 32.47
CA VAL A 212 -13.33 2.80 33.78
C VAL A 212 -14.62 3.61 33.78
N VAL A 213 -15.04 4.01 34.97
CA VAL A 213 -16.28 4.74 35.17
C VAL A 213 -16.20 5.54 36.49
N SER A 214 -16.83 6.71 36.49
CA SER A 214 -16.81 7.64 37.60
C SER A 214 -18.20 7.73 38.15
N VAL A 215 -18.28 7.68 39.49
CA VAL A 215 -19.54 7.63 40.22
C VAL A 215 -19.36 8.29 41.57
N THR A 216 -20.49 8.67 42.17
CA THR A 216 -20.51 9.35 43.46
C THR A 216 -20.75 8.33 44.57
N SER A 217 -19.65 7.73 45.04
CA SER A 217 -19.60 6.83 46.21
C SER A 217 -20.90 6.21 46.74
N SER A 218 -21.80 7.06 47.25
CA SER A 218 -23.08 6.63 47.84
C SER A 218 -23.97 5.79 46.90
N SER A 219 -23.85 6.01 45.58
CA SER A 219 -24.53 5.17 44.59
C SER A 219 -23.91 3.78 44.58
N GLN A 220 -24.76 2.79 44.35
CA GLN A 220 -24.51 1.41 44.72
C GLN A 220 -24.19 0.56 43.50
N PRO A 221 -23.65 -0.63 43.76
CA PRO A 221 -22.35 -0.96 43.19
C PRO A 221 -22.33 -1.08 41.68
N VAL A 222 -21.21 -0.68 41.09
CA VAL A 222 -21.08 -0.70 39.65
C VAL A 222 -20.67 -2.09 39.19
N THR A 223 -21.36 -2.60 38.17
CA THR A 223 -21.07 -3.89 37.56
C THR A 223 -20.71 -3.66 36.11
N CYS A 224 -19.59 -4.22 35.68
CA CYS A 224 -19.19 -4.20 34.28
C CYS A 224 -19.51 -5.55 33.62
N ASN A 225 -20.11 -5.49 32.43
CA ASN A 225 -20.57 -6.66 31.70
C ASN A 225 -19.71 -6.83 30.45
N VAL A 226 -18.88 -7.86 30.43
CA VAL A 226 -17.89 -8.11 29.38
C VAL A 226 -18.32 -9.27 28.49
N ALA A 227 -18.86 -8.95 27.32
CA ALA A 227 -19.25 -9.97 26.36
C ALA A 227 -18.09 -10.30 25.41
N HIS A 228 -17.98 -11.57 25.04
CA HIS A 228 -16.99 -12.07 24.06
C HIS A 228 -17.78 -13.11 23.26
N PRO A 229 -18.47 -12.66 22.19
CA PRO A 229 -19.30 -13.57 21.39
C PRO A 229 -18.52 -14.71 20.68
N ALA A 230 -17.25 -14.46 20.34
CA ALA A 230 -16.36 -15.46 19.73
C ALA A 230 -16.29 -16.79 20.51
N THR A 231 -16.21 -16.71 21.85
CA THR A 231 -16.22 -17.89 22.75
C THR A 231 -17.57 -18.13 23.45
N ASN A 232 -18.59 -17.34 23.11
CA ASN A 232 -19.89 -17.33 23.78
C ASN A 232 -19.80 -17.09 25.31
N THR A 233 -18.81 -16.31 25.73
CA THR A 233 -18.55 -16.02 27.15
C THR A 233 -19.07 -14.64 27.44
N LYS A 234 -19.78 -14.47 28.52
CA LYS A 234 -20.27 -13.15 28.96
C LYS A 234 -20.05 -13.05 30.48
N VAL A 235 -19.06 -12.26 30.89
CA VAL A 235 -18.68 -12.11 32.29
C VAL A 235 -19.37 -10.90 32.91
N ASP A 236 -19.77 -11.00 34.18
CA ASP A 236 -20.29 -9.86 34.93
C ASP A 236 -19.39 -9.72 36.16
N LYS A 237 -18.89 -8.50 36.40
CA LYS A 237 -17.98 -8.22 37.52
C LYS A 237 -18.44 -7.00 38.27
N THR A 238 -18.71 -7.18 39.56
CA THR A 238 -19.10 -6.09 40.43
C THR A 238 -17.85 -5.58 41.15
N VAL A 239 -17.76 -4.26 41.25
CA VAL A 239 -16.57 -3.63 41.78
C VAL A 239 -16.96 -2.74 42.97
N ALA A 240 -16.17 -2.85 44.02
CA ALA A 240 -16.37 -2.09 45.24
C ALA A 240 -15.09 -1.30 45.55
N PRO A 241 -15.23 -0.11 46.18
CA PRO A 241 -14.04 0.63 46.62
C PRO A 241 -13.33 -0.03 47.81
N VAL B 24 -8.53 2.51 -10.61
CA VAL B 24 -8.32 3.93 -10.23
C VAL B 24 -7.65 3.99 -8.87
N VAL B 25 -6.81 5.00 -8.65
CA VAL B 25 -6.14 5.22 -7.40
C VAL B 25 -6.35 6.66 -7.01
N LEU B 26 -6.74 6.87 -5.75
CA LEU B 26 -6.95 8.19 -5.20
C LEU B 26 -5.79 8.48 -4.28
N THR B 27 -5.21 9.67 -4.44
CA THR B 27 -4.11 10.13 -3.62
C THR B 27 -4.65 11.24 -2.71
N GLN B 28 -4.87 10.89 -1.44
CA GLN B 28 -5.41 11.78 -0.43
C GLN B 28 -4.27 12.47 0.34
N THR B 29 -4.41 13.77 0.57
CA THR B 29 -3.36 14.59 1.21
C THR B 29 -3.99 15.75 1.98
N PRO B 30 -3.46 16.15 3.13
CA PRO B 30 -2.39 15.45 3.85
C PRO B 30 -2.94 14.20 4.54
N SER B 31 -2.05 13.31 4.99
CA SER B 31 -2.45 12.15 5.82
C SER B 31 -2.91 12.57 7.22
N SER B 32 -2.39 13.70 7.69
CA SER B 32 -2.62 14.19 9.05
C SER B 32 -2.67 15.72 9.07
N VAL B 33 -3.64 16.28 9.80
CA VAL B 33 -3.75 17.74 9.93
C VAL B 33 -4.34 18.15 11.29
N SER B 34 -3.79 19.24 11.84
CA SER B 34 -4.27 19.84 13.08
C SER B 34 -4.98 21.17 12.77
N ALA B 35 -6.03 21.47 13.52
CA ALA B 35 -6.80 22.72 13.36
C ALA B 35 -7.36 23.19 14.70
N ALA B 36 -7.34 24.50 14.92
CA ALA B 36 -7.95 25.08 16.13
C ALA B 36 -9.47 25.14 15.95
N VAL B 37 -10.19 25.16 17.07
CA VAL B 37 -11.66 25.29 17.05
C VAL B 37 -12.03 26.63 16.41
N GLY B 38 -13.01 26.62 15.51
CA GLY B 38 -13.34 27.80 14.70
C GLY B 38 -12.39 28.07 13.54
N GLY B 39 -11.40 27.21 13.32
CA GLY B 39 -10.44 27.36 12.21
C GLY B 39 -10.98 26.68 10.98
N SER B 40 -10.08 26.24 10.10
CA SER B 40 -10.46 25.55 8.87
C SER B 40 -9.47 24.46 8.46
N VAL B 41 -10.03 23.39 7.91
CA VAL B 41 -9.26 22.24 7.43
C VAL B 41 -9.50 22.16 5.92
N THR B 42 -8.47 21.75 5.18
CA THR B 42 -8.59 21.54 3.73
C THR B 42 -7.93 20.22 3.33
N ILE B 43 -8.71 19.30 2.77
CA ILE B 43 -8.25 17.97 2.37
C ILE B 43 -8.34 17.88 0.85
N SER B 44 -7.32 17.30 0.21
CA SER B 44 -7.23 17.22 -1.25
C SER B 44 -7.13 15.78 -1.76
N CYS B 45 -8.04 15.39 -2.65
CA CYS B 45 -8.00 14.11 -3.34
C CYS B 45 -7.55 14.34 -4.79
N GLN B 46 -6.73 13.41 -5.29
CA GLN B 46 -6.21 13.47 -6.65
C GLN B 46 -6.27 12.07 -7.27
N SER B 47 -7.11 11.90 -8.29
CA SER B 47 -7.29 10.58 -8.93
C SER B 47 -6.35 10.35 -10.12
N SER B 48 -5.94 9.09 -10.28
CA SER B 48 -5.05 8.67 -11.38
C SER B 48 -5.68 8.83 -12.77
N GLN B 49 -7.01 8.81 -12.85
CA GLN B 49 -7.76 8.94 -14.10
C GLN B 49 -8.96 9.83 -13.84
N SER B 50 -9.53 10.38 -14.91
CA SER B 50 -10.78 11.11 -14.78
C SER B 50 -11.86 10.21 -14.19
N LEU B 51 -12.65 10.75 -13.27
CA LEU B 51 -13.78 10.02 -12.72
C LEU B 51 -15.02 10.17 -13.61
N TYR B 52 -15.89 9.17 -13.57
CA TYR B 52 -17.13 9.09 -14.35
C TYR B 52 -17.90 10.40 -14.28
N ASN B 53 -18.09 11.02 -15.45
CA ASN B 53 -18.84 12.28 -15.59
C ASN B 53 -18.11 13.50 -14.97
N ASN B 54 -16.81 13.32 -14.70
CA ASN B 54 -15.97 14.26 -13.95
C ASN B 54 -16.52 14.68 -12.59
N ASN B 55 -17.29 13.82 -11.92
CA ASN B 55 -17.92 14.19 -10.65
C ASN B 55 -18.27 13.08 -9.63
N ARG B 56 -17.77 11.86 -9.79
CA ARG B 56 -18.10 10.78 -8.89
C ARG B 56 -17.01 10.63 -7.86
N LEU B 57 -16.96 11.62 -6.97
CA LEU B 57 -16.13 11.58 -5.78
C LEU B 57 -17.02 11.91 -4.58
N ALA B 58 -16.86 11.15 -3.50
CA ALA B 58 -17.65 11.33 -2.27
C ALA B 58 -16.71 11.43 -1.06
N TRP B 59 -17.15 12.14 -0.02
CA TRP B 59 -16.36 12.32 1.20
C TRP B 59 -17.04 11.63 2.38
N TYR B 60 -16.24 11.01 3.24
CA TYR B 60 -16.76 10.29 4.41
C TYR B 60 -16.10 10.73 5.71
N GLN B 61 -16.85 10.67 6.80
CA GLN B 61 -16.34 10.83 8.17
C GLN B 61 -16.39 9.50 8.90
N GLN B 62 -15.28 9.08 9.51
CA GLN B 62 -15.29 7.89 10.35
C GLN B 62 -14.79 8.14 11.78
N LYS B 63 -15.54 7.59 12.74
CA LYS B 63 -15.15 7.56 14.13
C LYS B 63 -15.06 6.11 14.62
N ALA B 64 -14.26 5.92 15.67
CA ALA B 64 -13.92 4.58 16.19
C ALA B 64 -15.18 3.80 16.55
N GLY B 65 -15.22 2.53 16.16
CA GLY B 65 -16.37 1.65 16.38
C GLY B 65 -17.55 1.75 15.43
N GLN B 66 -17.56 2.76 14.55
CA GLN B 66 -18.67 3.01 13.61
C GLN B 66 -18.26 2.86 12.14
N PRO B 67 -19.24 2.60 11.25
CA PRO B 67 -18.96 2.71 9.81
C PRO B 67 -18.88 4.18 9.37
N PRO B 68 -18.30 4.46 8.19
CA PRO B 68 -18.21 5.83 7.71
C PRO B 68 -19.57 6.48 7.46
N LYS B 69 -19.68 7.76 7.83
CA LYS B 69 -20.84 8.58 7.50
C LYS B 69 -20.56 9.27 6.16
N LEU B 70 -21.55 9.29 5.28
CA LEU B 70 -21.46 10.03 4.01
C LEU B 70 -21.72 11.53 4.21
N LEU B 71 -20.74 12.38 3.87
CA LEU B 71 -20.87 13.85 4.01
C LEU B 71 -21.30 14.56 2.70
N ILE B 72 -20.54 14.29 1.65
CA ILE B 72 -20.65 14.94 0.34
C ILE B 72 -20.67 13.85 -0.73
N TYR B 73 -21.54 13.97 -1.72
CA TYR B 73 -21.50 13.06 -2.90
C TYR B 73 -21.73 13.82 -4.20
N LYS B 74 -21.34 13.18 -5.32
CA LYS B 74 -21.27 13.82 -6.63
C LYS B 74 -20.36 15.08 -6.59
N ALA B 75 -19.27 14.96 -5.82
CA ALA B 75 -18.23 15.99 -5.68
C ALA B 75 -18.57 17.21 -4.82
N SER B 76 -19.84 17.42 -4.49
CA SER B 76 -20.30 18.69 -3.87
C SER B 76 -21.75 18.72 -3.30
N THR B 77 -22.55 17.68 -3.55
CA THR B 77 -23.89 17.57 -2.96
C THR B 77 -23.83 17.09 -1.50
N LEU B 78 -24.37 17.89 -0.59
CA LEU B 78 -24.46 17.54 0.83
C LEU B 78 -25.51 16.47 1.06
N GLU B 79 -25.17 15.43 1.82
CA GLU B 79 -26.19 14.49 2.30
C GLU B 79 -27.12 15.24 3.23
N SER B 80 -28.34 14.74 3.35
CA SER B 80 -29.34 15.31 4.25
C SER B 80 -28.84 15.21 5.70
N GLY B 81 -29.09 16.26 6.49
CA GLY B 81 -28.60 16.38 7.86
C GLY B 81 -27.16 16.86 8.09
N VAL B 82 -26.37 17.03 7.02
CA VAL B 82 -24.98 17.44 7.15
C VAL B 82 -24.96 18.98 7.05
N PRO B 83 -24.27 19.66 7.99
CA PRO B 83 -24.15 21.13 7.94
C PRO B 83 -23.45 21.74 6.71
N SER B 84 -23.81 22.99 6.38
CA SER B 84 -23.15 23.78 5.31
C SER B 84 -21.66 24.04 5.57
N ARG B 85 -21.25 23.85 6.83
CA ARG B 85 -19.85 23.87 7.25
C ARG B 85 -18.93 22.96 6.42
N PHE B 86 -19.49 21.87 5.86
CA PHE B 86 -18.77 20.98 4.93
C PHE B 86 -19.02 21.36 3.46
N LYS B 87 -17.95 21.67 2.74
CA LYS B 87 -18.03 22.10 1.34
C LYS B 87 -17.26 21.12 0.47
N GLY B 88 -17.90 20.65 -0.60
CA GLY B 88 -17.23 19.85 -1.63
C GLY B 88 -16.99 20.68 -2.88
N SER B 89 -15.81 20.55 -3.48
CA SER B 89 -15.51 21.22 -4.74
C SER B 89 -14.52 20.38 -5.54
N GLY B 90 -14.32 20.79 -6.79
CA GLY B 90 -13.45 20.08 -7.73
C GLY B 90 -14.19 19.43 -8.90
N ALA B 91 -13.41 18.83 -9.79
CA ALA B 91 -13.91 18.31 -11.08
C ALA B 91 -12.81 17.52 -11.80
N GLY B 92 -13.17 16.34 -12.31
CA GLY B 92 -12.27 15.56 -13.14
C GLY B 92 -11.33 14.68 -12.37
N THR B 93 -10.16 15.23 -12.03
CA THR B 93 -9.13 14.51 -11.27
C THR B 93 -8.75 15.12 -9.93
N GLN B 94 -9.24 16.32 -9.63
CA GLN B 94 -8.79 17.07 -8.46
C GLN B 94 -9.99 17.51 -7.65
N PHE B 95 -10.03 17.10 -6.40
CA PHE B 95 -11.20 17.34 -5.56
C PHE B 95 -10.77 17.73 -4.16
N THR B 96 -11.56 18.59 -3.51
CA THR B 96 -11.23 19.04 -2.16
C THR B 96 -12.45 19.07 -1.25
N LEU B 97 -12.24 18.70 0.00
CA LEU B 97 -13.17 18.95 1.09
C LEU B 97 -12.60 20.06 1.97
N THR B 98 -13.40 21.08 2.22
CA THR B 98 -13.08 22.14 3.17
C THR B 98 -14.11 22.08 4.29
N ILE B 99 -13.64 22.00 5.52
CA ILE B 99 -14.48 22.06 6.69
C ILE B 99 -14.22 23.45 7.27
N SER B 100 -15.27 24.26 7.39
CA SER B 100 -15.20 25.58 8.01
C SER B 100 -15.81 25.59 9.43
N ASP B 101 -15.39 26.53 10.27
CA ASP B 101 -15.91 26.70 11.65
C ASP B 101 -15.84 25.39 12.45
N VAL B 102 -14.62 24.87 12.53
CA VAL B 102 -14.37 23.53 13.06
C VAL B 102 -14.82 23.41 14.52
N VAL B 103 -15.69 22.42 14.78
CA VAL B 103 -16.16 22.08 16.13
C VAL B 103 -15.38 20.84 16.62
N CYS B 104 -15.56 20.49 17.89
CA CYS B 104 -14.87 19.32 18.46
C CYS B 104 -15.41 17.99 17.91
N ASP B 105 -16.69 17.97 17.53
CA ASP B 105 -17.32 16.80 16.91
C ASP B 105 -16.74 16.43 15.53
N ASP B 106 -16.01 17.35 14.89
CA ASP B 106 -15.35 17.12 13.62
C ASP B 106 -14.03 16.36 13.74
N ALA B 107 -13.51 16.15 14.96
CA ALA B 107 -12.32 15.33 15.16
C ALA B 107 -12.63 13.91 14.73
N ALA B 108 -11.94 13.44 13.69
CA ALA B 108 -12.27 12.14 13.08
C ALA B 108 -11.25 11.78 12.00
N THR B 109 -11.51 10.65 11.32
CA THR B 109 -10.79 10.31 10.09
C THR B 109 -11.71 10.46 8.88
N TYR B 110 -11.22 11.13 7.84
CA TYR B 110 -11.98 11.42 6.62
C TYR B 110 -11.42 10.69 5.40
N TYR B 111 -12.32 10.25 4.52
CA TYR B 111 -11.95 9.47 3.34
C TYR B 111 -12.62 10.00 2.06
N CYS B 112 -11.85 10.10 0.98
CA CYS B 112 -12.45 10.26 -0.36
C CYS B 112 -12.75 8.88 -0.97
N ALA B 113 -13.83 8.79 -1.75
CA ALA B 113 -14.18 7.59 -2.51
C ALA B 113 -14.63 7.92 -3.95
N GLY B 114 -13.88 7.41 -4.93
CA GLY B 114 -14.07 7.72 -6.34
C GLY B 114 -14.47 6.53 -7.19
N TYR B 115 -15.07 6.81 -8.34
CA TYR B 115 -15.54 5.77 -9.27
C TYR B 115 -15.17 6.16 -10.72
N LYS B 116 -14.71 5.17 -11.51
CA LYS B 116 -14.56 5.29 -12.95
C LYS B 116 -15.63 4.52 -13.69
N SER B 117 -15.73 3.22 -13.48
CA SER B 117 -16.68 2.40 -14.24
C SER B 117 -16.86 1.02 -13.66
N ASN B 118 -17.89 0.33 -14.13
CA ASN B 118 -18.21 -1.01 -13.63
C ASN B 118 -17.18 -2.05 -14.08
N SER B 119 -15.96 -1.94 -13.54
CA SER B 119 -14.80 -2.76 -13.99
C SER B 119 -13.71 -2.84 -12.91
N ASP B 120 -12.73 -3.71 -13.14
CA ASP B 120 -11.69 -3.96 -12.16
C ASP B 120 -11.01 -2.68 -11.68
N ASP B 121 -10.95 -2.54 -10.36
CA ASP B 121 -10.50 -1.33 -9.66
C ASP B 121 -11.32 -0.08 -9.98
N GLY B 122 -12.54 -0.28 -10.44
CA GLY B 122 -13.44 0.82 -10.81
C GLY B 122 -13.79 1.79 -9.72
N THR B 123 -13.85 1.30 -8.48
CA THR B 123 -14.13 2.14 -7.30
C THR B 123 -12.91 2.07 -6.38
N ALA B 124 -12.55 3.20 -5.78
CA ALA B 124 -11.40 3.25 -4.88
C ALA B 124 -11.63 4.17 -3.69
N PHE B 125 -10.96 3.86 -2.59
CA PHE B 125 -10.94 4.73 -1.41
C PHE B 125 -9.56 5.37 -1.28
N GLY B 126 -9.53 6.64 -0.89
CA GLY B 126 -8.28 7.31 -0.52
C GLY B 126 -7.69 6.78 0.78
N GLY B 127 -6.42 7.08 1.02
CA GLY B 127 -5.69 6.51 2.17
C GLY B 127 -6.21 6.94 3.53
N GLY B 128 -6.79 8.13 3.61
CA GLY B 128 -7.40 8.66 4.82
C GLY B 128 -6.67 9.90 5.33
N THR B 129 -7.40 10.78 6.00
CA THR B 129 -6.82 11.92 6.69
C THR B 129 -7.36 12.02 8.12
N GLU B 130 -6.45 12.13 9.10
CA GLU B 130 -6.83 12.28 10.51
C GLU B 130 -6.89 13.76 10.90
N VAL B 131 -8.09 14.22 11.24
CA VAL B 131 -8.31 15.57 11.71
C VAL B 131 -8.21 15.57 13.22
N VAL B 132 -7.16 16.21 13.74
CA VAL B 132 -6.99 16.48 15.17
C VAL B 132 -7.44 17.92 15.42
N VAL B 133 -8.40 18.12 16.31
CA VAL B 133 -8.87 19.46 16.67
C VAL B 133 -8.19 19.98 17.96
N LYS B 134 -7.35 21.01 17.83
CA LYS B 134 -6.75 21.70 18.98
C LYS B 134 -7.81 22.39 19.84
N GLY B 135 -8.29 21.68 20.86
CA GLY B 135 -9.11 22.29 21.93
C GLY B 135 -8.23 23.01 22.95
N ASP B 136 -8.85 23.67 23.93
CA ASP B 136 -8.05 24.43 24.90
C ASP B 136 -7.39 23.47 25.92
N PRO B 137 -6.09 23.69 26.22
CA PRO B 137 -5.33 22.65 26.92
C PRO B 137 -5.85 22.34 28.33
N VAL B 138 -5.68 21.09 28.75
CA VAL B 138 -6.03 20.62 30.11
C VAL B 138 -4.95 19.65 30.56
N ALA B 139 -4.53 19.76 31.82
CA ALA B 139 -3.59 18.80 32.40
C ALA B 139 -4.32 17.52 32.83
N PRO B 140 -3.62 16.39 32.81
CA PRO B 140 -4.27 15.15 33.17
C PRO B 140 -4.28 14.91 34.70
N THR B 141 -5.39 14.36 35.20
CA THR B 141 -5.43 13.69 36.49
C THR B 141 -5.03 12.24 36.24
N VAL B 142 -4.31 11.64 37.21
CA VAL B 142 -3.77 10.29 37.09
C VAL B 142 -4.27 9.35 38.21
N LEU B 143 -4.68 8.15 37.81
CA LEU B 143 -5.06 7.11 38.74
C LEU B 143 -4.13 5.94 38.50
N ILE B 144 -3.69 5.33 39.60
CA ILE B 144 -3.01 4.05 39.53
C ILE B 144 -3.91 2.99 40.16
N PHE B 145 -3.85 1.79 39.61
CA PHE B 145 -4.71 0.69 39.99
C PHE B 145 -3.78 -0.47 40.30
N PRO B 146 -3.64 -0.80 41.59
CA PRO B 146 -2.88 -1.99 41.89
C PRO B 146 -3.62 -3.26 41.46
N PRO B 147 -2.88 -4.36 41.24
CA PRO B 147 -3.50 -5.59 40.77
C PRO B 147 -4.44 -6.15 41.79
N ALA B 148 -5.59 -6.63 41.34
CA ALA B 148 -6.46 -7.41 42.18
C ALA B 148 -5.71 -8.61 42.79
N ALA B 149 -6.22 -9.10 43.91
CA ALA B 149 -5.64 -10.27 44.58
C ALA B 149 -5.56 -11.51 43.66
N ASP B 150 -6.53 -11.64 42.75
CA ASP B 150 -6.62 -12.72 41.75
C ASP B 150 -5.39 -12.88 40.86
N GLN B 151 -4.75 -11.76 40.51
CA GLN B 151 -3.73 -11.75 39.46
C GLN B 151 -2.47 -12.53 39.80
N VAL B 152 -1.92 -12.28 40.98
CA VAL B 152 -0.64 -12.89 41.38
C VAL B 152 -0.72 -14.43 41.30
N ALA B 153 -1.85 -14.99 41.70
CA ALA B 153 -2.10 -16.43 41.64
C ALA B 153 -1.98 -17.02 40.21
N THR B 154 -2.32 -16.23 39.19
CA THR B 154 -2.17 -16.67 37.79
C THR B 154 -0.73 -16.62 37.23
N GLY B 155 0.24 -16.12 38.00
CA GLY B 155 1.65 -16.16 37.60
C GLY B 155 2.15 -14.86 37.00
N THR B 156 1.41 -14.33 36.03
CA THR B 156 1.64 -12.97 35.52
C THR B 156 0.71 -12.01 36.25
N VAL B 157 1.19 -10.79 36.43
CA VAL B 157 0.43 -9.71 37.05
C VAL B 157 0.60 -8.44 36.22
N THR B 158 -0.50 -7.69 36.04
CA THR B 158 -0.47 -6.43 35.27
C THR B 158 -1.12 -5.27 36.04
N ILE B 159 -0.46 -4.13 35.95
CA ILE B 159 -0.76 -2.99 36.78
C ILE B 159 -1.23 -1.90 35.84
N VAL B 160 -2.37 -1.28 36.13
CA VAL B 160 -2.99 -0.31 35.21
C VAL B 160 -2.88 1.13 35.71
N CYS B 161 -2.64 2.04 34.78
CA CYS B 161 -2.50 3.45 35.08
C CYS B 161 -3.22 4.25 34.04
N VAL B 162 -4.17 5.07 34.48
CA VAL B 162 -5.00 5.84 33.56
C VAL B 162 -4.84 7.35 33.73
N ALA B 163 -5.00 8.09 32.64
CA ALA B 163 -4.80 9.55 32.59
C ALA B 163 -6.01 10.14 31.94
N ASN B 164 -6.68 11.05 32.64
CA ASN B 164 -8.03 11.48 32.25
C ASN B 164 -8.07 12.92 31.73
N LYS B 165 -9.11 13.18 30.94
CA LYS B 165 -9.44 14.51 30.43
C LYS B 165 -8.24 15.40 30.19
N TYR B 166 -7.48 15.10 29.14
CA TYR B 166 -6.26 15.85 28.84
C TYR B 166 -6.08 16.22 27.37
N PHE B 167 -5.36 17.32 27.18
CA PHE B 167 -4.87 17.78 25.87
C PHE B 167 -3.75 18.81 26.09
N PRO B 168 -2.62 18.75 25.37
CA PRO B 168 -2.33 17.82 24.28
C PRO B 168 -1.67 16.54 24.78
N ASP B 169 -1.26 15.66 23.87
CA ASP B 169 -0.73 14.31 24.18
C ASP B 169 0.33 14.25 25.28
N VAL B 170 0.45 13.07 25.89
CA VAL B 170 1.38 12.77 26.99
C VAL B 170 2.18 11.52 26.72
N THR B 171 3.35 11.43 27.32
CA THR B 171 4.11 10.18 27.40
C THR B 171 3.99 9.61 28.81
N VAL B 172 4.48 8.39 29.00
CA VAL B 172 4.31 7.65 30.26
C VAL B 172 5.58 6.87 30.59
N THR B 173 5.95 6.87 31.87
CA THR B 173 7.16 6.20 32.34
C THR B 173 6.78 5.39 33.56
N TRP B 174 7.30 4.17 33.62
CA TRP B 174 7.07 3.25 34.74
C TRP B 174 8.37 3.04 35.51
N GLU B 175 8.33 3.22 36.82
CA GLU B 175 9.46 2.88 37.72
C GLU B 175 9.02 1.72 38.63
N VAL B 176 9.98 0.86 38.99
CA VAL B 176 9.80 -0.08 40.12
C VAL B 176 11.04 0.02 41.01
N ASP B 177 10.83 0.39 42.27
CA ASP B 177 11.91 0.77 43.20
C ASP B 177 12.83 1.83 42.59
N GLY B 178 12.22 2.87 42.03
CA GLY B 178 12.97 4.00 41.47
C GLY B 178 13.74 3.77 40.18
N THR B 179 13.71 2.56 39.62
CA THR B 179 14.44 2.22 38.38
C THR B 179 13.47 2.09 37.18
N THR B 180 13.75 2.85 36.12
CA THR B 180 12.86 2.96 34.95
C THR B 180 12.66 1.61 34.27
N GLN B 181 11.50 1.44 33.63
CA GLN B 181 11.15 0.20 32.94
C GLN B 181 11.08 0.33 31.42
N THR B 182 11.64 -0.67 30.74
CA THR B 182 11.76 -0.70 29.27
C THR B 182 10.74 -1.63 28.61
N THR B 183 10.51 -2.81 29.19
CA THR B 183 9.62 -3.83 28.60
C THR B 183 8.41 -4.12 29.50
N GLY B 184 7.40 -4.77 28.93
CA GLY B 184 6.18 -5.13 29.65
C GLY B 184 5.07 -4.09 29.61
N ILE B 185 5.24 -3.06 28.78
CA ILE B 185 4.40 -1.84 28.80
C ILE B 185 3.48 -1.81 27.60
N GLU B 186 2.23 -1.36 27.80
CA GLU B 186 1.27 -1.21 26.71
C GLU B 186 0.31 -0.06 26.95
N ASN B 187 0.29 0.91 26.03
CA ASN B 187 -0.55 2.11 26.14
C ASN B 187 -1.68 2.07 25.14
N SER B 188 -2.78 2.74 25.45
CA SER B 188 -3.94 2.82 24.58
C SER B 188 -4.69 4.13 24.84
N LYS B 189 -5.06 4.83 23.78
CA LYS B 189 -5.61 6.18 23.87
C LYS B 189 -7.02 6.29 23.27
N THR B 190 -7.90 6.98 23.96
CA THR B 190 -9.27 7.21 23.52
C THR B 190 -9.29 8.21 22.37
N PRO B 191 -10.30 8.15 21.47
CA PRO B 191 -10.44 9.28 20.54
C PRO B 191 -10.73 10.59 21.26
N GLN B 192 -10.63 11.72 20.54
CA GLN B 192 -10.94 13.02 21.13
C GLN B 192 -12.40 13.04 21.51
N ASN B 193 -12.71 13.75 22.59
CA ASN B 193 -14.08 13.93 23.05
C ASN B 193 -14.76 14.90 22.08
N SER B 194 -15.99 14.56 21.66
CA SER B 194 -16.75 15.39 20.74
C SER B 194 -17.26 16.71 21.35
N ALA B 195 -17.32 16.77 22.69
CA ALA B 195 -17.71 17.99 23.41
C ALA B 195 -16.53 18.93 23.71
N ASP B 196 -15.40 18.40 24.16
CA ASP B 196 -14.27 19.23 24.65
C ASP B 196 -12.86 18.93 24.11
N CYS B 197 -12.75 17.97 23.19
CA CYS B 197 -11.51 17.67 22.45
C CYS B 197 -10.38 16.97 23.23
N THR B 198 -10.68 16.45 24.42
CA THR B 198 -9.66 15.81 25.27
C THR B 198 -9.50 14.33 24.95
N TYR B 199 -8.28 13.85 25.14
CA TYR B 199 -7.98 12.43 25.11
C TYR B 199 -8.12 11.84 26.51
N ASN B 200 -8.16 10.51 26.57
CA ASN B 200 -7.90 9.75 27.79
C ASN B 200 -6.90 8.68 27.41
N LEU B 201 -6.06 8.26 28.35
CA LEU B 201 -5.11 7.20 28.09
C LEU B 201 -5.02 6.18 29.23
N SER B 202 -4.85 4.93 28.84
CA SER B 202 -4.60 3.82 29.75
C SER B 202 -3.26 3.25 29.37
N SER B 203 -2.44 2.93 30.39
CA SER B 203 -1.13 2.31 30.20
C SER B 203 -1.02 1.20 31.21
N THR B 204 -0.54 0.04 30.76
CA THR B 204 -0.39 -1.16 31.61
C THR B 204 1.06 -1.60 31.72
N LEU B 205 1.45 -2.13 32.88
CA LEU B 205 2.78 -2.71 33.09
C LEU B 205 2.60 -4.11 33.56
N THR B 206 3.25 -5.03 32.85
CA THR B 206 3.08 -6.45 33.03
C THR B 206 4.39 -7.04 33.56
N LEU B 207 4.27 -7.92 34.55
CA LEU B 207 5.41 -8.56 35.20
C LEU B 207 5.06 -9.99 35.59
N THR B 208 6.09 -10.81 35.82
CA THR B 208 5.91 -12.13 36.44
C THR B 208 5.64 -11.91 37.92
N SER B 209 4.96 -12.87 38.54
CA SER B 209 4.65 -12.80 39.99
C SER B 209 5.91 -12.77 40.88
N THR B 210 6.98 -13.46 40.45
CA THR B 210 8.27 -13.40 41.16
C THR B 210 8.94 -12.02 41.06
N GLN B 211 8.75 -11.31 39.93
CA GLN B 211 9.20 -9.91 39.80
C GLN B 211 8.37 -8.95 40.66
N TYR B 212 7.05 -9.16 40.67
CA TYR B 212 6.12 -8.36 41.48
C TYR B 212 6.33 -8.55 42.99
N ASN B 213 6.43 -9.81 43.41
CA ASN B 213 6.67 -10.14 44.82
C ASN B 213 8.12 -9.96 45.31
N SER B 214 9.02 -9.43 44.47
CA SER B 214 10.36 -8.99 44.88
C SER B 214 10.35 -7.51 45.24
N HIS B 215 9.93 -6.67 44.31
CA HIS B 215 10.00 -5.22 44.48
C HIS B 215 8.77 -4.68 45.26
N LYS B 216 8.86 -3.41 45.69
CA LYS B 216 7.84 -2.77 46.57
C LYS B 216 7.20 -1.48 46.01
N GLU B 217 8.02 -0.47 45.71
CA GLU B 217 7.54 0.85 45.24
C GLU B 217 7.28 0.83 43.71
N TYR B 218 6.01 0.95 43.31
CA TYR B 218 5.61 0.89 41.89
C TYR B 218 4.99 2.20 41.46
N THR B 219 5.52 2.79 40.40
CA THR B 219 5.25 4.16 40.04
C THR B 219 4.77 4.29 38.60
N CYS B 220 3.93 5.31 38.39
CA CYS B 220 3.46 5.67 37.08
C CYS B 220 3.64 7.19 36.92
N LYS B 221 4.46 7.61 35.95
CA LYS B 221 4.80 9.00 35.73
C LYS B 221 4.31 9.46 34.37
N VAL B 222 3.25 10.26 34.35
CA VAL B 222 2.76 10.87 33.11
C VAL B 222 3.39 12.25 32.94
N THR B 223 3.66 12.64 31.69
CA THR B 223 4.32 13.92 31.39
C THR B 223 3.67 14.63 30.18
N GLN B 224 3.44 15.93 30.32
CA GLN B 224 2.76 16.75 29.30
C GLN B 224 3.66 17.96 29.01
N GLY B 225 4.83 17.69 28.43
CA GLY B 225 5.83 18.73 28.16
C GLY B 225 6.52 19.18 29.44
N THR B 226 6.06 20.30 29.99
CA THR B 226 6.58 20.86 31.26
C THR B 226 6.03 20.10 32.48
N THR B 227 4.70 20.00 32.56
CA THR B 227 4.00 19.39 33.71
C THR B 227 4.21 17.87 33.75
N SER B 228 4.27 17.31 34.97
CA SER B 228 4.30 15.86 35.19
C SER B 228 3.34 15.49 36.33
N VAL B 229 2.88 14.25 36.35
CA VAL B 229 2.01 13.77 37.42
C VAL B 229 2.42 12.36 37.77
N VAL B 230 3.11 12.22 38.89
CA VAL B 230 3.51 10.90 39.37
C VAL B 230 2.42 10.37 40.29
N GLN B 231 2.22 9.05 40.25
CA GLN B 231 1.25 8.37 41.09
C GLN B 231 1.85 7.02 41.44
N SER B 232 1.69 6.60 42.69
CA SER B 232 2.47 5.48 43.22
C SER B 232 1.75 4.72 44.32
N PHE B 233 2.25 3.51 44.58
CA PHE B 233 1.70 2.64 45.62
C PHE B 233 2.75 1.60 46.02
N ASN B 234 2.70 1.18 47.28
CA ASN B 234 3.60 0.15 47.82
C ASN B 234 2.84 -1.17 47.89
N ARG B 235 3.50 -2.25 47.47
CA ARG B 235 2.89 -3.57 47.44
C ARG B 235 2.49 -4.02 48.84
N GLY B 236 1.28 -4.57 48.95
CA GLY B 236 0.75 -4.98 50.23
C GLY B 236 0.46 -3.86 51.22
N ASP B 237 0.31 -2.61 50.75
CA ASP B 237 -0.31 -1.56 51.58
C ASP B 237 -1.82 -1.83 51.44
N CYS B 238 -2.24 -2.94 52.07
CA CYS B 238 -3.53 -3.62 51.84
C CYS B 238 -3.62 -4.89 52.71
N GLN C 20 28.04 -18.95 -9.80
CA GLN C 20 27.01 -18.21 -9.01
C GLN C 20 26.04 -17.57 -9.98
N SER C 21 24.92 -18.25 -10.19
CA SER C 21 23.76 -17.59 -10.75
C SER C 21 22.52 -18.27 -10.20
N LEU C 22 21.46 -17.48 -10.06
CA LEU C 22 20.14 -17.97 -9.81
C LEU C 22 19.33 -17.71 -11.07
N GLU C 23 18.67 -18.74 -11.59
CA GLU C 23 17.79 -18.61 -12.74
C GLU C 23 16.40 -19.08 -12.29
N GLU C 24 15.47 -18.15 -12.20
CA GLU C 24 14.10 -18.44 -11.84
C GLU C 24 13.36 -18.82 -13.11
N SER C 25 12.43 -19.77 -12.98
CA SER C 25 11.60 -20.22 -14.07
C SER C 25 10.19 -20.55 -13.61
N GLY C 26 9.22 -20.38 -14.50
CA GLY C 26 7.80 -20.63 -14.22
C GLY C 26 6.94 -19.52 -14.78
N GLY C 27 5.64 -19.78 -14.81
CA GLY C 27 4.67 -18.72 -15.11
C GLY C 27 4.50 -18.27 -16.54
N ASP C 28 3.65 -19.01 -17.30
CA ASP C 28 2.89 -18.50 -18.48
C ASP C 28 1.98 -17.38 -17.87
N LEU C 29 1.15 -16.82 -18.76
CA LEU C 29 0.00 -16.03 -18.39
C LEU C 29 -1.00 -17.03 -17.85
N VAL C 30 -1.70 -16.65 -16.79
CA VAL C 30 -2.68 -17.53 -16.16
C VAL C 30 -3.95 -16.76 -15.82
N LYS C 31 -5.07 -17.47 -15.78
CA LYS C 31 -6.38 -16.87 -15.46
C LYS C 31 -6.46 -16.66 -13.93
N PRO C 32 -7.20 -15.62 -13.48
CA PRO C 32 -7.43 -15.46 -12.05
C PRO C 32 -8.13 -16.70 -11.51
N GLY C 33 -7.70 -17.16 -10.33
CA GLY C 33 -8.19 -18.38 -9.72
C GLY C 33 -7.17 -19.48 -9.74
N ALA C 34 -6.23 -19.41 -10.68
CA ALA C 34 -5.31 -20.50 -10.92
C ALA C 34 -4.13 -20.54 -9.93
N SER C 35 -3.41 -21.65 -10.01
CA SER C 35 -2.25 -21.94 -9.24
C SER C 35 -1.09 -22.06 -10.19
N LEU C 36 0.11 -21.91 -9.63
CA LEU C 36 1.30 -21.85 -10.45
C LEU C 36 2.51 -22.06 -9.57
N THR C 37 3.52 -22.73 -10.12
CA THR C 37 4.73 -23.06 -9.36
C THR C 37 5.98 -22.49 -10.07
N LEU C 38 6.76 -21.71 -9.32
CA LEU C 38 8.00 -21.15 -9.81
C LEU C 38 9.13 -21.99 -9.23
N THR C 39 10.27 -21.99 -9.90
CA THR C 39 11.44 -22.73 -9.46
C THR C 39 12.68 -21.85 -9.62
N CYS C 40 13.70 -22.12 -8.80
CA CYS C 40 14.92 -21.34 -8.81
C CYS C 40 16.10 -22.26 -8.78
N LYS C 41 16.81 -22.39 -9.91
CA LYS C 41 17.95 -23.29 -10.01
C LYS C 41 19.19 -22.48 -9.73
N ALA C 42 20.14 -23.09 -9.03
CA ALA C 42 21.35 -22.43 -8.59
C ALA C 42 22.55 -23.07 -9.23
N SER C 43 23.49 -22.24 -9.68
CA SER C 43 24.65 -22.69 -10.41
C SER C 43 25.90 -22.25 -9.65
N GLY C 44 26.72 -23.21 -9.23
CA GLY C 44 27.95 -22.94 -8.50
C GLY C 44 27.72 -22.52 -7.05
N LEU C 45 26.76 -23.16 -6.39
CA LEU C 45 26.40 -22.87 -4.99
C LEU C 45 25.28 -23.79 -4.51
N ASP C 46 25.43 -24.32 -3.30
CA ASP C 46 24.43 -25.21 -2.70
C ASP C 46 23.47 -24.38 -1.83
N LEU C 47 22.17 -24.56 -2.05
CA LEU C 47 21.14 -23.76 -1.39
C LEU C 47 20.83 -24.06 0.12
N PRO C 48 20.77 -25.34 0.54
CA PRO C 48 20.29 -25.68 1.91
C PRO C 48 20.92 -24.93 3.09
N SER C 49 22.22 -24.69 3.05
CA SER C 49 22.90 -23.98 4.14
C SER C 49 22.68 -22.47 4.21
N TYR C 50 22.04 -21.85 3.21
CA TYR C 50 21.78 -20.41 3.22
C TYR C 50 20.28 -20.13 3.31
N PHE C 51 19.94 -18.93 3.78
CA PHE C 51 18.56 -18.44 3.72
C PHE C 51 18.24 -17.92 2.29
N MET C 52 17.42 -18.70 1.58
CA MET C 52 16.97 -18.38 0.23
C MET C 52 15.56 -17.86 0.27
N CYS C 53 15.35 -16.68 -0.28
CA CYS C 53 14.05 -16.02 -0.24
C CYS C 53 13.45 -15.84 -1.65
N TRP C 54 12.18 -15.49 -1.69
CA TRP C 54 11.53 -15.01 -2.89
C TRP C 54 11.08 -13.56 -2.65
N VAL C 55 11.31 -12.70 -3.64
CA VAL C 55 10.87 -11.31 -3.62
C VAL C 55 10.09 -11.06 -4.90
N ARG C 56 9.20 -10.07 -4.91
CA ARG C 56 8.48 -9.70 -6.12
C ARG C 56 8.33 -8.20 -6.30
N GLN C 57 8.16 -7.80 -7.55
CA GLN C 57 8.02 -6.41 -7.97
C GLN C 57 6.94 -6.29 -9.04
N ALA C 58 5.81 -5.71 -8.68
CA ALA C 58 4.74 -5.45 -9.64
C ALA C 58 5.18 -4.31 -10.57
N PRO C 59 4.68 -4.33 -11.82
CA PRO C 59 5.08 -3.27 -12.77
C PRO C 59 4.95 -1.83 -12.20
N GLY C 60 6.06 -1.09 -12.18
CA GLY C 60 6.08 0.31 -11.75
C GLY C 60 5.88 0.51 -10.26
N LYS C 61 6.21 -0.50 -9.47
CA LYS C 61 5.92 -0.51 -8.04
C LYS C 61 7.16 -1.01 -7.28
N GLY C 62 7.05 -1.11 -5.97
CA GLY C 62 8.18 -1.47 -5.14
C GLY C 62 8.40 -2.95 -4.93
N LEU C 63 9.56 -3.27 -4.37
CA LEU C 63 9.89 -4.62 -3.94
C LEU C 63 9.02 -5.07 -2.75
N GLU C 64 8.63 -6.35 -2.74
CA GLU C 64 7.77 -6.91 -1.70
C GLU C 64 8.36 -8.28 -1.31
N TRP C 65 8.94 -8.37 -0.13
CA TRP C 65 9.46 -9.65 0.38
C TRP C 65 8.34 -10.67 0.64
N ILE C 66 8.57 -11.93 0.28
CA ILE C 66 7.54 -12.98 0.33
C ILE C 66 7.80 -14.04 1.40
N ALA C 67 8.98 -14.69 1.35
CA ALA C 67 9.30 -15.82 2.24
C ALA C 67 10.79 -16.23 2.13
N CYS C 68 11.39 -16.75 3.22
CA CYS C 68 12.73 -17.38 3.18
C CYS C 68 12.66 -18.80 3.70
N ILE C 69 13.69 -19.58 3.36
CA ILE C 69 13.83 -20.95 3.80
C ILE C 69 15.30 -21.35 3.89
N ARG C 70 15.65 -21.97 5.04
CA ARG C 70 16.91 -22.70 5.20
C ARG C 70 16.53 -24.16 5.44
N SER C 71 17.01 -25.07 4.58
CA SER C 71 16.57 -26.47 4.53
C SER C 71 17.32 -27.38 5.51
N SER C 72 18.63 -27.12 5.66
CA SER C 72 19.53 -27.94 6.48
C SER C 72 19.32 -27.71 7.98
N SER C 73 20.08 -28.46 8.80
CA SER C 73 20.08 -28.35 10.26
C SER C 73 18.63 -28.38 10.79
N ASN C 74 18.22 -27.36 11.55
CA ASN C 74 16.80 -27.18 11.86
C ASN C 74 16.23 -26.37 10.70
N GLU C 75 15.23 -26.95 10.04
CA GLU C 75 14.54 -26.34 8.90
C GLU C 75 13.74 -25.11 9.35
N ILE C 76 14.10 -23.93 8.84
CA ILE C 76 13.42 -22.67 9.19
C ILE C 76 12.69 -22.08 7.98
N LEU C 77 11.43 -21.71 8.16
CA LEU C 77 10.59 -21.08 7.15
C LEU C 77 9.95 -19.86 7.77
N TYR C 78 9.90 -18.77 7.03
CA TYR C 78 9.04 -17.67 7.41
C TYR C 78 8.50 -16.88 6.23
N TYR C 79 7.34 -16.28 6.44
CA TYR C 79 6.50 -15.72 5.38
C TYR C 79 6.07 -14.30 5.66
N ALA C 80 5.53 -13.66 4.64
CA ALA C 80 4.84 -12.38 4.80
C ALA C 80 3.45 -12.71 5.24
N SER C 81 2.84 -11.80 6.00
CA SER C 81 1.49 -12.00 6.48
C SER C 81 0.53 -12.31 5.37
N TRP C 82 0.65 -11.58 4.25
CA TRP C 82 -0.20 -11.77 3.06
C TRP C 82 0.12 -13.03 2.22
N ALA C 83 1.25 -13.65 2.49
CA ALA C 83 1.69 -14.83 1.77
C ALA C 83 1.25 -16.12 2.43
N LYS C 84 1.36 -16.19 3.76
CA LYS C 84 1.19 -17.46 4.49
C LYS C 84 -0.23 -17.97 4.39
N GLY C 85 -0.38 -19.21 3.93
CA GLY C 85 -1.70 -19.81 3.71
C GLY C 85 -2.10 -19.84 2.25
N ARG C 86 -1.48 -18.99 1.45
CA ARG C 86 -1.75 -18.90 0.03
C ARG C 86 -0.56 -19.34 -0.80
N PHE C 87 0.64 -18.98 -0.38
CA PHE C 87 1.89 -19.33 -1.06
C PHE C 87 2.63 -20.29 -0.14
N THR C 88 3.38 -21.22 -0.69
CA THR C 88 4.19 -22.16 0.08
C THR C 88 5.60 -22.24 -0.50
N ILE C 89 6.60 -21.88 0.31
CA ILE C 89 7.99 -21.99 -0.09
C ILE C 89 8.51 -23.36 0.30
N SER C 90 9.37 -23.94 -0.52
CA SER C 90 9.94 -25.26 -0.24
C SER C 90 11.19 -25.54 -1.07
N LYS C 91 11.87 -26.61 -0.67
CA LYS C 91 13.10 -27.07 -1.32
C LYS C 91 12.81 -28.44 -1.96
N THR C 92 13.06 -28.56 -3.27
CA THR C 92 12.87 -29.84 -3.99
C THR C 92 14.19 -30.55 -4.32
N SER C 93 15.31 -29.85 -4.27
CA SER C 93 16.64 -30.47 -4.38
C SER C 93 17.68 -29.63 -3.66
N SER C 94 18.93 -30.08 -3.69
CA SER C 94 20.03 -29.29 -3.12
C SER C 94 20.45 -28.06 -3.97
N THR C 95 19.92 -27.92 -5.20
CA THR C 95 20.13 -26.72 -6.02
C THR C 95 18.82 -26.00 -6.46
N THR C 96 17.67 -26.42 -5.94
CA THR C 96 16.38 -25.80 -6.29
C THR C 96 15.53 -25.45 -5.07
N VAL C 97 14.90 -24.27 -5.13
CA VAL C 97 13.83 -23.86 -4.22
C VAL C 97 12.59 -23.49 -5.05
N THR C 98 11.40 -23.78 -4.53
CA THR C 98 10.15 -23.52 -5.25
C THR C 98 9.21 -22.59 -4.49
N LEU C 99 8.24 -22.05 -5.22
CA LEU C 99 7.17 -21.26 -4.66
C LEU C 99 5.88 -21.76 -5.28
N GLN C 100 5.00 -22.36 -4.49
CA GLN C 100 3.68 -22.78 -4.95
C GLN C 100 2.71 -21.69 -4.62
N MET C 101 2.18 -21.05 -5.65
CA MET C 101 1.19 -19.98 -5.52
C MET C 101 -0.18 -20.58 -5.79
N THR C 102 -1.20 -19.97 -5.20
CA THR C 102 -2.53 -20.54 -5.21
C THR C 102 -3.51 -19.39 -5.17
N SER C 103 -4.70 -19.61 -5.69
CA SER C 103 -5.75 -18.60 -5.71
C SER C 103 -5.19 -17.24 -6.20
N LEU C 104 -4.55 -17.28 -7.37
CA LEU C 104 -3.85 -16.10 -7.90
C LEU C 104 -4.83 -15.06 -8.41
N THR C 105 -4.51 -13.80 -8.16
CA THR C 105 -5.32 -12.64 -8.59
C THR C 105 -4.51 -11.68 -9.50
N ALA C 106 -5.17 -10.70 -10.10
CA ALA C 106 -4.48 -9.76 -10.98
C ALA C 106 -3.39 -8.98 -10.24
N ALA C 107 -3.57 -8.76 -8.94
CA ALA C 107 -2.56 -8.08 -8.13
C ALA C 107 -1.35 -8.92 -7.85
N ASP C 108 -1.39 -10.20 -8.15
CA ASP C 108 -0.17 -11.01 -8.12
C ASP C 108 0.69 -10.98 -9.42
N THR C 109 0.30 -10.14 -10.39
CA THR C 109 1.11 -9.92 -11.58
C THR C 109 2.33 -9.14 -11.13
N ALA C 110 3.52 -9.68 -11.39
CA ALA C 110 4.79 -9.07 -10.99
C ALA C 110 5.95 -9.91 -11.50
N THR C 111 7.18 -9.38 -11.35
CA THR C 111 8.40 -10.19 -11.60
C THR C 111 8.78 -10.81 -10.26
N TYR C 112 9.01 -12.13 -10.24
CA TYR C 112 9.29 -12.84 -8.98
C TYR C 112 10.74 -13.23 -8.97
N PHE C 113 11.52 -12.55 -8.13
CA PHE C 113 12.93 -12.79 -7.98
C PHE C 113 13.21 -13.82 -6.90
N CYS C 114 14.42 -14.34 -6.93
CA CYS C 114 14.89 -15.35 -5.99
C CYS C 114 16.25 -14.87 -5.52
N ALA C 115 16.51 -14.89 -4.22
CA ALA C 115 17.75 -14.31 -3.69
C ALA C 115 18.26 -15.04 -2.46
N ARG C 116 19.51 -14.71 -2.10
CA ARG C 116 20.19 -15.32 -0.95
C ARG C 116 20.41 -14.24 0.13
N ASP C 117 19.79 -14.46 1.29
CA ASP C 117 19.95 -13.60 2.47
C ASP C 117 21.18 -14.17 3.14
N TYR C 118 22.28 -13.42 3.07
CA TYR C 118 23.53 -13.85 3.67
C TYR C 118 24.52 -12.70 3.70
N PHE C 119 25.30 -12.61 4.78
CA PHE C 119 26.53 -11.83 4.77
C PHE C 119 27.54 -12.48 5.69
N GLY C 120 28.81 -12.21 5.42
CA GLY C 120 29.93 -12.85 6.08
C GLY C 120 30.69 -11.81 6.88
N GLU C 121 31.25 -12.28 7.99
CA GLU C 121 32.08 -11.46 8.86
C GLU C 121 33.15 -12.41 9.40
N GLY C 122 34.18 -12.64 8.60
CA GLY C 122 35.30 -13.49 9.01
C GLY C 122 35.00 -14.98 9.07
N ASP C 123 35.33 -15.61 10.21
CA ASP C 123 35.06 -17.05 10.42
C ASP C 123 33.53 -17.38 10.43
N VAL C 124 32.65 -16.38 10.35
CA VAL C 124 31.24 -16.49 10.77
C VAL C 124 30.27 -16.01 9.69
N PHE C 125 29.12 -16.69 9.59
CA PHE C 125 28.03 -16.32 8.68
C PHE C 125 26.83 -15.78 9.45
N TYR C 126 26.17 -14.79 8.84
CA TYR C 126 24.97 -14.16 9.35
C TYR C 126 23.97 -13.97 8.19
N HIS C 127 22.82 -13.38 8.50
CA HIS C 127 21.85 -12.97 7.50
C HIS C 127 20.82 -12.05 8.13
N GLY C 128 19.98 -11.43 7.31
CA GLY C 128 18.98 -10.48 7.77
C GLY C 128 18.78 -9.31 6.85
N GLY C 129 17.95 -9.52 5.83
CA GLY C 129 17.69 -8.52 4.79
C GLY C 129 18.87 -8.09 3.91
N VAL C 130 19.88 -8.97 3.80
CA VAL C 130 21.11 -8.68 3.06
C VAL C 130 21.17 -9.59 1.84
N PHE C 131 20.56 -9.09 0.77
CA PHE C 131 20.43 -9.80 -0.50
C PHE C 131 21.54 -9.41 -1.50
N GLY C 132 22.67 -10.10 -1.43
CA GLY C 132 23.79 -9.84 -2.34
C GLY C 132 23.69 -10.56 -3.68
N LEU C 133 22.98 -11.68 -3.71
CA LEU C 133 22.91 -12.56 -4.86
C LEU C 133 21.45 -12.75 -5.25
N TRP C 134 21.11 -12.33 -6.47
CA TRP C 134 19.74 -12.33 -7.04
C TRP C 134 19.74 -12.99 -8.41
N GLY C 135 18.63 -13.63 -8.79
CA GLY C 135 18.42 -14.05 -10.18
C GLY C 135 17.80 -12.93 -11.03
N SER C 136 17.64 -13.18 -12.33
CA SER C 136 17.14 -12.17 -13.28
C SER C 136 15.64 -11.89 -13.16
N GLY C 137 14.87 -12.91 -12.78
CA GLY C 137 13.43 -12.79 -12.56
C GLY C 137 12.61 -13.52 -13.62
N THR C 138 11.37 -13.85 -13.23
CA THR C 138 10.40 -14.59 -14.04
C THR C 138 9.05 -13.88 -13.92
N LEU C 139 8.54 -13.37 -15.06
CA LEU C 139 7.31 -12.60 -15.09
C LEU C 139 6.10 -13.52 -15.00
N VAL C 140 5.22 -13.27 -14.04
CA VAL C 140 4.00 -14.02 -13.86
C VAL C 140 2.92 -13.02 -14.14
N THR C 141 1.96 -13.42 -14.97
CA THR C 141 0.93 -12.53 -15.44
C THR C 141 -0.38 -13.20 -15.21
N VAL C 142 -1.24 -12.53 -14.47
CA VAL C 142 -2.53 -13.07 -14.09
C VAL C 142 -3.51 -12.16 -14.77
N SER C 143 -4.29 -12.71 -15.68
CA SER C 143 -5.19 -11.92 -16.50
C SER C 143 -6.11 -12.83 -17.24
N SER C 144 -7.36 -12.39 -17.41
CA SER C 144 -8.33 -13.13 -18.20
C SER C 144 -8.07 -13.05 -19.73
N GLY C 145 -7.33 -12.04 -20.18
CA GLY C 145 -7.05 -11.87 -21.60
C GLY C 145 -6.35 -13.04 -22.27
N GLN C 146 -6.56 -13.18 -23.59
CA GLN C 146 -5.87 -14.18 -24.42
C GLN C 146 -4.50 -13.67 -24.85
N PRO C 147 -3.48 -14.55 -24.89
CA PRO C 147 -2.17 -14.16 -25.41
C PRO C 147 -2.18 -13.62 -26.84
N LYS C 148 -1.27 -12.71 -27.14
CA LYS C 148 -1.17 -12.10 -28.47
C LYS C 148 0.27 -11.80 -28.82
N ALA C 149 0.70 -12.29 -29.98
CA ALA C 149 2.03 -11.96 -30.48
C ALA C 149 1.96 -10.54 -31.07
N PRO C 150 3.08 -9.80 -30.99
CA PRO C 150 3.08 -8.43 -31.47
C PRO C 150 3.09 -8.32 -33.03
N SER C 151 2.27 -7.38 -33.52
CA SER C 151 2.46 -6.79 -34.82
C SER C 151 3.68 -5.87 -34.74
N VAL C 152 4.64 -6.08 -35.63
CA VAL C 152 5.86 -5.26 -35.73
C VAL C 152 5.79 -4.43 -37.02
N PHE C 153 6.10 -3.15 -36.90
CA PHE C 153 6.13 -2.21 -38.03
C PHE C 153 7.45 -1.43 -38.04
N PRO C 154 8.02 -1.16 -39.24
CA PRO C 154 9.22 -0.34 -39.29
C PRO C 154 8.92 1.14 -38.98
N LEU C 155 9.90 1.80 -38.39
CA LEU C 155 9.87 3.26 -38.18
C LEU C 155 10.96 3.91 -39.01
N ALA C 156 10.58 4.69 -40.02
CA ALA C 156 11.55 5.44 -40.84
C ALA C 156 11.04 6.85 -41.11
N PRO C 157 11.95 7.79 -41.46
CA PRO C 157 11.53 9.15 -41.78
C PRO C 157 10.69 9.26 -43.05
N CYS C 158 9.91 10.33 -43.13
CA CYS C 158 9.01 10.58 -44.26
C CYS C 158 9.80 10.68 -45.57
N CYS C 159 9.27 10.03 -46.61
CA CYS C 159 10.00 9.76 -47.86
C CYS C 159 10.30 11.02 -48.72
N GLY C 160 9.55 12.11 -48.47
CA GLY C 160 9.85 13.43 -49.04
C GLY C 160 10.98 14.23 -48.40
N ASP C 161 11.59 13.70 -47.33
CA ASP C 161 12.78 14.31 -46.71
C ASP C 161 14.07 13.99 -47.49
N THR C 162 15.05 14.89 -47.40
CA THR C 162 16.36 14.69 -48.05
C THR C 162 17.22 13.72 -47.25
N PRO C 163 17.83 12.72 -47.92
CA PRO C 163 18.67 11.78 -47.16
C PRO C 163 19.86 12.45 -46.46
N SER C 164 20.07 12.12 -45.19
CA SER C 164 21.12 12.74 -44.39
C SER C 164 22.34 11.83 -44.22
N SER C 165 23.38 12.36 -43.59
CA SER C 165 24.62 11.64 -43.25
C SER C 165 24.33 10.48 -42.27
N THR C 166 23.70 10.80 -41.14
CA THR C 166 23.15 9.82 -40.19
C THR C 166 21.63 9.66 -40.40
N VAL C 167 21.04 8.66 -39.73
CA VAL C 167 19.59 8.45 -39.78
C VAL C 167 19.11 7.66 -38.58
N THR C 168 17.93 8.05 -38.08
CA THR C 168 17.31 7.35 -36.97
C THR C 168 16.21 6.47 -37.54
N LEU C 169 16.35 5.18 -37.33
CA LEU C 169 15.40 4.17 -37.78
C LEU C 169 14.99 3.34 -36.59
N GLY C 170 13.80 2.77 -36.63
CA GLY C 170 13.28 1.98 -35.53
C GLY C 170 12.26 0.90 -35.84
N CYS C 171 11.81 0.27 -34.77
CA CYS C 171 10.76 -0.77 -34.79
C CYS C 171 9.68 -0.42 -33.79
N LEU C 172 8.44 -0.49 -34.23
CA LEU C 172 7.29 -0.28 -33.38
C LEU C 172 6.70 -1.66 -33.11
N VAL C 173 6.72 -2.09 -31.85
CA VAL C 173 6.20 -3.39 -31.44
C VAL C 173 4.83 -3.16 -30.81
N LYS C 174 3.77 -3.37 -31.59
CA LYS C 174 2.42 -2.99 -31.21
C LYS C 174 1.52 -4.17 -30.79
N GLY C 175 0.73 -3.91 -29.74
CA GLY C 175 -0.35 -4.82 -29.28
C GLY C 175 -0.01 -6.26 -28.92
N TYR C 176 0.78 -6.46 -27.87
CA TYR C 176 1.16 -7.82 -27.43
C TYR C 176 0.78 -8.10 -25.98
N LEU C 177 0.69 -9.39 -25.65
CA LEU C 177 0.30 -9.85 -24.31
C LEU C 177 0.67 -11.31 -24.14
N PRO C 178 1.29 -11.73 -23.06
CA PRO C 178 1.75 -10.90 -21.95
C PRO C 178 3.12 -10.28 -22.21
N GLU C 179 3.60 -9.48 -21.25
CA GLU C 179 5.01 -9.12 -21.16
C GLU C 179 5.84 -10.38 -20.80
N PRO C 180 7.16 -10.40 -21.06
CA PRO C 180 7.91 -9.36 -21.75
C PRO C 180 8.16 -9.68 -23.21
N VAL C 181 8.59 -8.65 -23.95
CA VAL C 181 9.24 -8.76 -25.27
C VAL C 181 10.65 -8.24 -25.16
N THR C 182 11.56 -8.84 -25.91
CA THR C 182 12.95 -8.42 -25.95
C THR C 182 13.30 -7.99 -27.37
N VAL C 183 13.89 -6.80 -27.50
CA VAL C 183 14.32 -6.26 -28.79
C VAL C 183 15.83 -6.24 -28.79
N THR C 184 16.43 -6.86 -29.80
CA THR C 184 17.85 -6.67 -30.09
C THR C 184 18.02 -6.19 -31.55
N TRP C 185 19.24 -5.79 -31.94
CA TRP C 185 19.53 -5.26 -33.29
C TRP C 185 20.73 -6.01 -33.90
N ASN C 186 20.55 -6.55 -35.11
CA ASN C 186 21.54 -7.39 -35.78
C ASN C 186 22.11 -8.46 -34.85
N SER C 187 21.21 -9.18 -34.19
CA SER C 187 21.57 -10.26 -33.26
C SER C 187 22.47 -9.82 -32.08
N GLY C 188 22.32 -8.57 -31.64
CA GLY C 188 23.10 -8.03 -30.54
C GLY C 188 24.51 -7.55 -30.85
N THR C 189 24.84 -7.47 -32.13
CA THR C 189 26.14 -6.92 -32.52
C THR C 189 26.04 -5.40 -32.50
N LEU C 190 25.00 -4.84 -33.13
CA LEU C 190 24.72 -3.41 -33.08
C LEU C 190 24.15 -3.02 -31.69
N THR C 191 25.01 -2.51 -30.82
CA THR C 191 24.64 -2.05 -29.46
C THR C 191 24.60 -0.53 -29.33
N ASN C 192 25.58 0.16 -29.91
CA ASN C 192 25.71 1.61 -29.77
C ASN C 192 24.68 2.36 -30.62
N GLY C 193 24.09 3.39 -30.02
CA GLY C 193 23.05 4.20 -30.68
C GLY C 193 21.62 3.72 -30.43
N VAL C 194 21.46 2.64 -29.64
CA VAL C 194 20.17 1.94 -29.46
C VAL C 194 19.39 2.45 -28.26
N ARG C 195 18.12 2.79 -28.49
CA ARG C 195 17.25 3.36 -27.48
C ARG C 195 15.93 2.59 -27.49
N THR C 196 15.78 1.66 -26.55
CA THR C 196 14.57 0.83 -26.41
C THR C 196 13.72 1.34 -25.25
N PHE C 197 12.53 1.81 -25.54
CA PHE C 197 11.68 2.48 -24.57
C PHE C 197 10.88 1.45 -23.79
N PRO C 198 10.47 1.80 -22.55
CA PRO C 198 9.59 0.94 -21.76
C PRO C 198 8.22 0.73 -22.36
N SER C 199 7.65 -0.44 -22.13
CA SER C 199 6.33 -0.76 -22.62
C SER C 199 5.24 0.10 -21.98
N VAL C 200 4.16 0.33 -22.72
CA VAL C 200 2.97 0.98 -22.17
C VAL C 200 1.71 0.17 -22.47
N ARG C 201 0.89 -0.01 -21.43
CA ARG C 201 -0.36 -0.75 -21.53
C ARG C 201 -1.42 0.14 -22.17
N GLN C 202 -2.20 -0.43 -23.09
CA GLN C 202 -3.35 0.26 -23.68
C GLN C 202 -4.56 0.18 -22.73
N SER C 203 -5.65 0.84 -23.13
CA SER C 203 -6.95 0.69 -22.49
C SER C 203 -7.45 -0.75 -22.61
N SER C 204 -7.27 -1.31 -23.80
CA SER C 204 -7.66 -2.69 -24.12
C SER C 204 -6.94 -3.74 -23.27
N GLY C 205 -5.69 -3.47 -22.89
CA GLY C 205 -4.87 -4.38 -22.08
C GLY C 205 -3.58 -4.83 -22.75
N LEU C 206 -3.48 -4.60 -24.07
CA LEU C 206 -2.29 -4.97 -24.83
C LEU C 206 -1.18 -3.96 -24.62
N TYR C 207 0.06 -4.44 -24.72
CA TYR C 207 1.24 -3.61 -24.58
C TYR C 207 1.76 -3.19 -25.96
N SER C 208 2.28 -1.97 -26.02
CA SER C 208 3.04 -1.48 -27.18
C SER C 208 4.42 -0.99 -26.72
N LEU C 209 5.38 -0.96 -27.63
CA LEU C 209 6.78 -0.66 -27.28
C LEU C 209 7.57 -0.19 -28.53
N SER C 210 8.53 0.73 -28.33
CA SER C 210 9.33 1.31 -29.44
C SER C 210 10.81 1.09 -29.20
N SER C 211 11.57 0.84 -30.27
CA SER C 211 13.03 0.80 -30.19
C SER C 211 13.57 1.50 -31.42
N VAL C 212 14.47 2.47 -31.21
CA VAL C 212 15.13 3.16 -32.33
C VAL C 212 16.64 2.98 -32.26
N VAL C 213 17.30 3.31 -33.36
CA VAL C 213 18.75 3.22 -33.44
C VAL C 213 19.27 4.25 -34.43
N SER C 214 20.48 4.72 -34.21
CA SER C 214 21.13 5.74 -35.03
C SER C 214 22.33 5.12 -35.73
N VAL C 215 22.44 5.41 -37.02
CA VAL C 215 23.47 4.84 -37.89
C VAL C 215 23.84 5.81 -39.00
N THR C 216 25.01 5.59 -39.58
CA THR C 216 25.54 6.44 -40.64
C THR C 216 25.20 5.84 -41.99
N SER C 217 24.00 6.15 -42.47
CA SER C 217 23.51 5.85 -43.84
C SER C 217 24.22 4.76 -44.67
N SER C 218 25.50 5.00 -45.00
CA SER C 218 26.32 4.07 -45.81
C SER C 218 26.44 2.65 -45.25
N SER C 219 26.36 2.51 -43.92
CA SER C 219 26.29 1.20 -43.25
C SER C 219 24.91 0.55 -43.48
N GLN C 220 24.91 -0.78 -43.62
CA GLN C 220 23.80 -1.54 -44.21
C GLN C 220 23.27 -2.65 -43.35
N PRO C 221 22.06 -3.16 -43.62
CA PRO C 221 20.82 -2.46 -43.36
C PRO C 221 20.50 -2.95 -41.96
N VAL C 222 19.79 -2.15 -41.18
CA VAL C 222 19.58 -2.49 -39.78
C VAL C 222 18.37 -3.42 -39.66
N THR C 223 18.55 -4.51 -38.89
CA THR C 223 17.50 -5.50 -38.61
C THR C 223 17.22 -5.54 -37.12
N CYS C 224 15.94 -5.37 -36.74
CA CYS C 224 15.53 -5.47 -35.35
C CYS C 224 14.91 -6.85 -35.07
N ASN C 225 15.33 -7.48 -33.98
CA ASN C 225 14.95 -8.85 -33.65
C ASN C 225 14.07 -8.86 -32.41
N VAL C 226 12.77 -9.05 -32.61
CA VAL C 226 11.77 -8.91 -31.57
C VAL C 226 11.33 -10.28 -31.09
N ALA C 227 11.84 -10.71 -29.95
CA ALA C 227 11.44 -11.99 -29.36
C ALA C 227 10.24 -11.79 -28.44
N HIS C 228 9.36 -12.78 -28.41
CA HIS C 228 8.21 -12.85 -27.48
C HIS C 228 8.12 -14.31 -27.02
N PRO C 229 8.90 -14.69 -25.97
CA PRO C 229 8.93 -16.08 -25.52
C PRO C 229 7.58 -16.65 -25.08
N ALA C 230 6.69 -15.77 -24.59
CA ALA C 230 5.35 -16.19 -24.14
C ALA C 230 4.52 -16.92 -25.20
N THR C 231 4.61 -16.48 -26.46
CA THR C 231 3.96 -17.12 -27.64
C THR C 231 4.95 -17.87 -28.54
N ASN C 232 6.19 -18.05 -28.07
CA ASN C 232 7.30 -18.59 -28.85
C ASN C 232 7.52 -17.91 -30.21
N THR C 233 7.21 -16.62 -30.32
CA THR C 233 7.31 -15.86 -31.56
C THR C 233 8.61 -15.09 -31.54
N LYS C 234 9.32 -15.08 -32.65
CA LYS C 234 10.55 -14.30 -32.78
C LYS C 234 10.54 -13.67 -34.16
N VAL C 235 10.26 -12.36 -34.21
CA VAL C 235 10.17 -11.63 -35.48
C VAL C 235 11.51 -10.96 -35.80
N ASP C 236 11.90 -10.98 -37.08
CA ASP C 236 13.05 -10.16 -37.57
C ASP C 236 12.48 -9.16 -38.55
N LYS C 237 12.90 -7.91 -38.46
CA LYS C 237 12.41 -6.85 -39.35
C LYS C 237 13.56 -6.00 -39.83
N THR C 238 13.78 -5.97 -41.15
CA THR C 238 14.81 -5.10 -41.73
C THR C 238 14.19 -3.78 -42.11
N VAL C 239 14.90 -2.69 -41.84
CA VAL C 239 14.39 -1.34 -42.05
C VAL C 239 15.34 -0.60 -42.96
N ALA C 240 14.75 0.06 -43.96
CA ALA C 240 15.46 0.91 -44.90
C ALA C 240 14.82 2.29 -44.74
N PRO C 241 15.60 3.39 -44.88
CA PRO C 241 14.93 4.69 -44.75
C PRO C 241 13.99 4.99 -45.93
N SER C 242 12.95 5.80 -45.67
CA SER C 242 11.99 6.25 -46.69
C SER C 242 11.15 5.10 -47.31
N THR C 243 11.10 5.01 -48.65
CA THR C 243 10.19 4.13 -49.46
C THR C 243 8.79 3.91 -48.83
N CYS C 244 8.06 5.02 -48.67
CA CYS C 244 6.70 5.04 -48.10
C CYS C 244 5.78 5.98 -48.92
N SER C 245 4.56 6.24 -48.44
CA SER C 245 3.64 7.25 -49.00
C SER C 245 3.66 7.43 -50.54
N VAL D 24 7.26 -6.29 10.55
CA VAL D 24 7.98 -4.99 10.63
C VAL D 24 7.61 -4.15 9.43
N VAL D 25 7.56 -2.84 9.60
CA VAL D 25 7.30 -1.93 8.51
C VAL D 25 8.42 -0.91 8.49
N LEU D 26 8.91 -0.62 7.29
CA LEU D 26 9.94 0.40 7.10
C LEU D 26 9.28 1.60 6.42
N THR D 27 9.51 2.78 6.99
CA THR D 27 8.97 4.04 6.47
C THR D 27 10.14 4.82 5.89
N GLN D 28 10.24 4.79 4.56
CA GLN D 28 11.32 5.41 3.80
C GLN D 28 10.89 6.79 3.36
N THR D 29 11.79 7.76 3.46
CA THR D 29 11.52 9.17 3.15
C THR D 29 12.83 9.83 2.66
N PRO D 30 12.76 10.78 1.74
CA PRO D 30 11.56 11.12 1.00
C PRO D 30 11.30 10.04 -0.07
N SER D 31 10.12 10.04 -0.65
CA SER D 31 9.80 9.19 -1.79
C SER D 31 10.51 9.65 -3.08
N SER D 32 10.86 10.95 -3.14
CA SER D 32 11.45 11.54 -4.33
C SER D 32 12.41 12.66 -3.95
N VAL D 33 13.59 12.70 -4.57
CA VAL D 33 14.57 13.75 -4.32
C VAL D 33 15.38 14.09 -5.59
N SER D 34 15.68 15.38 -5.75
CA SER D 34 16.53 15.90 -6.80
C SER D 34 17.85 16.33 -6.20
N ALA D 35 18.94 16.13 -6.94
CA ALA D 35 20.28 16.54 -6.50
C ALA D 35 21.13 16.96 -7.70
N ALA D 36 21.92 18.02 -7.57
CA ALA D 36 22.86 18.43 -8.61
C ALA D 36 24.11 17.55 -8.55
N VAL D 37 24.78 17.40 -9.69
CA VAL D 37 26.02 16.61 -9.81
C VAL D 37 27.07 17.23 -8.89
N GLY D 38 27.75 16.39 -8.10
CA GLY D 38 28.63 16.87 -7.03
C GLY D 38 27.92 17.30 -5.74
N GLY D 39 26.59 17.22 -5.70
CA GLY D 39 25.82 17.58 -4.52
C GLY D 39 25.74 16.39 -3.57
N SER D 40 24.70 16.38 -2.73
CA SER D 40 24.47 15.29 -1.77
C SER D 40 22.99 14.93 -1.61
N VAL D 41 22.74 13.63 -1.45
CA VAL D 41 21.40 13.09 -1.22
C VAL D 41 21.38 12.46 0.17
N THR D 42 20.26 12.58 0.87
CA THR D 42 20.10 11.96 2.18
C THR D 42 18.73 11.30 2.28
N ILE D 43 18.75 9.97 2.43
CA ILE D 43 17.53 9.15 2.53
C ILE D 43 17.42 8.58 3.96
N SER D 44 16.20 8.58 4.50
CA SER D 44 15.96 8.16 5.88
C SER D 44 14.97 6.98 5.96
N CYS D 45 15.39 5.90 6.61
CA CYS D 45 14.50 4.77 6.93
C CYS D 45 14.17 4.79 8.44
N GLN D 46 12.90 4.51 8.74
CA GLN D 46 12.41 4.43 10.10
C GLN D 46 11.56 3.16 10.25
N SER D 47 12.00 2.23 11.11
CA SER D 47 11.28 0.97 11.35
C SER D 47 10.29 1.04 12.51
N SER D 48 9.22 0.25 12.39
CA SER D 48 8.17 0.15 13.40
C SER D 48 8.64 -0.49 14.70
N GLN D 49 9.66 -1.34 14.62
CA GLN D 49 10.25 -2.00 15.79
C GLN D 49 11.76 -1.97 15.66
N SER D 50 12.46 -2.18 16.77
CA SER D 50 13.92 -2.34 16.73
C SER D 50 14.27 -3.54 15.89
N LEU D 51 15.27 -3.40 15.05
CA LEU D 51 15.73 -4.48 14.19
C LEU D 51 16.70 -5.35 14.96
N TYR D 52 16.79 -6.61 14.55
CA TYR D 52 17.70 -7.60 15.14
C TYR D 52 19.09 -7.02 15.37
N ASN D 53 19.51 -6.99 16.64
CA ASN D 53 20.85 -6.57 17.01
C ASN D 53 21.07 -5.06 16.79
N ASN D 54 19.97 -4.31 16.65
CA ASN D 54 19.96 -2.88 16.31
C ASN D 54 20.83 -2.48 15.12
N ASN D 55 20.93 -3.37 14.12
CA ASN D 55 21.73 -3.09 12.90
C ASN D 55 21.41 -3.88 11.62
N ARG D 56 20.26 -4.55 11.49
CA ARG D 56 19.99 -5.35 10.27
C ARG D 56 19.15 -4.54 9.31
N LEU D 57 19.82 -3.59 8.68
CA LEU D 57 19.23 -2.72 7.69
C LEU D 57 20.22 -2.68 6.56
N ALA D 58 19.73 -2.84 5.34
CA ALA D 58 20.57 -2.85 4.14
C ALA D 58 20.01 -1.87 3.11
N TRP D 59 20.88 -1.28 2.30
CA TRP D 59 20.47 -0.32 1.27
C TRP D 59 20.71 -0.88 -0.13
N TYR D 60 19.79 -0.63 -1.05
CA TYR D 60 19.89 -1.16 -2.41
C TYR D 60 19.69 -0.09 -3.44
N GLN D 61 20.41 -0.24 -4.55
CA GLN D 61 20.21 0.56 -5.78
C GLN D 61 19.54 -0.29 -6.85
N GLN D 62 18.45 0.21 -7.42
CA GLN D 62 17.85 -0.46 -8.59
C GLN D 62 17.77 0.46 -9.83
N LYS D 63 18.06 -0.14 -10.98
CA LYS D 63 17.81 0.48 -12.29
C LYS D 63 16.92 -0.42 -13.16
N ALA D 64 16.28 0.20 -14.16
CA ALA D 64 15.26 -0.46 -14.98
C ALA D 64 15.82 -1.68 -15.68
N GLY D 65 15.06 -2.78 -15.64
CA GLY D 65 15.46 -4.05 -16.23
C GLY D 65 16.36 -4.95 -15.40
N GLN D 66 16.92 -4.44 -14.30
CA GLN D 66 17.84 -5.21 -13.44
C GLN D 66 17.29 -5.49 -12.03
N PRO D 67 17.83 -6.52 -11.35
CA PRO D 67 17.56 -6.66 -9.93
C PRO D 67 18.34 -5.61 -9.10
N PRO D 68 17.95 -5.41 -7.83
CA PRO D 68 18.63 -4.42 -6.98
C PRO D 68 20.07 -4.79 -6.71
N LYS D 69 20.94 -3.78 -6.64
CA LYS D 69 22.33 -3.97 -6.24
C LYS D 69 22.42 -3.67 -4.74
N LEU D 70 23.15 -4.50 -4.01
CA LEU D 70 23.44 -4.25 -2.59
C LEU D 70 24.56 -3.22 -2.40
N LEU D 71 24.25 -2.10 -1.76
CA LEU D 71 25.24 -1.05 -1.45
C LEU D 71 25.86 -1.14 -0.03
N ILE D 72 25.00 -1.21 0.97
CA ILE D 72 25.36 -1.17 2.39
C ILE D 72 24.62 -2.30 3.09
N TYR D 73 25.28 -3.00 4.01
CA TYR D 73 24.61 -3.99 4.87
C TYR D 73 25.11 -3.93 6.33
N LYS D 74 24.31 -4.51 7.23
CA LYS D 74 24.52 -4.35 8.67
C LYS D 74 24.57 -2.86 9.09
N ALA D 75 23.70 -2.06 8.45
CA ALA D 75 23.53 -0.61 8.69
C ALA D 75 24.63 0.35 8.20
N SER D 76 25.80 -0.17 7.81
CA SER D 76 26.98 0.66 7.51
C SER D 76 28.18 -0.05 6.87
N THR D 77 28.15 -1.38 6.72
CA THR D 77 29.21 -2.10 5.99
C THR D 77 28.98 -1.98 4.46
N LEU D 78 30.00 -1.50 3.76
CA LEU D 78 30.00 -1.40 2.29
C LEU D 78 30.22 -2.76 1.64
N GLU D 79 29.37 -3.12 0.67
CA GLU D 79 29.62 -4.31 -0.18
C GLU D 79 30.90 -4.06 -0.97
N SER D 80 31.55 -5.15 -1.34
CA SER D 80 32.77 -5.05 -2.14
C SER D 80 32.46 -4.36 -3.48
N GLY D 81 33.35 -3.49 -3.92
CA GLY D 81 33.17 -2.77 -5.18
C GLY D 81 32.38 -1.48 -5.10
N VAL D 82 31.69 -1.23 -4.00
CA VAL D 82 30.87 -0.01 -3.86
C VAL D 82 31.75 1.13 -3.32
N PRO D 83 31.71 2.32 -3.96
CA PRO D 83 32.53 3.46 -3.49
C PRO D 83 32.24 3.98 -2.06
N SER D 84 33.26 4.60 -1.45
CA SER D 84 33.15 5.30 -0.16
C SER D 84 32.14 6.47 -0.16
N ARG D 85 31.82 6.95 -1.36
CA ARG D 85 30.77 7.95 -1.60
C ARG D 85 29.40 7.56 -1.04
N PHE D 86 29.14 6.26 -0.81
CA PHE D 86 27.93 5.78 -0.13
C PHE D 86 28.19 5.47 1.34
N LYS D 87 27.47 6.16 2.23
CA LYS D 87 27.66 6.04 3.68
C LYS D 87 26.38 5.53 4.34
N GLY D 88 26.52 4.48 5.15
CA GLY D 88 25.42 3.98 5.99
C GLY D 88 25.65 4.38 7.43
N SER D 89 24.58 4.83 8.07
CA SER D 89 24.62 5.19 9.49
C SER D 89 23.25 4.96 10.12
N GLY D 90 23.25 4.89 11.45
CA GLY D 90 22.04 4.68 12.25
C GLY D 90 22.12 3.43 13.12
N ALA D 91 21.03 3.18 13.84
CA ALA D 91 21.00 2.16 14.91
C ALA D 91 19.58 2.04 15.46
N GLY D 92 19.13 0.80 15.65
CA GLY D 92 17.86 0.52 16.31
C GLY D 92 16.65 0.66 15.42
N THR D 93 16.09 1.86 15.38
CA THR D 93 14.90 2.15 14.55
C THR D 93 15.11 3.24 13.50
N GLN D 94 16.24 3.94 13.52
CA GLN D 94 16.45 5.09 12.62
C GLN D 94 17.74 4.93 11.86
N PHE D 95 17.64 4.92 10.53
CA PHE D 95 18.80 4.66 9.66
C PHE D 95 18.81 5.61 8.46
N THR D 96 20.00 5.98 8.00
CA THR D 96 20.12 6.87 6.85
C THR D 96 21.18 6.41 5.86
N LEU D 97 20.91 6.67 4.59
CA LEU D 97 21.91 6.57 3.52
C LEU D 97 22.19 7.98 3.03
N THR D 98 23.46 8.36 3.02
CA THR D 98 23.90 9.60 2.43
C THR D 98 24.79 9.24 1.27
N ILE D 99 24.49 9.84 0.11
CA ILE D 99 25.31 9.72 -1.09
C ILE D 99 26.00 11.08 -1.27
N SER D 100 27.33 11.07 -1.27
CA SER D 100 28.14 12.27 -1.49
C SER D 100 28.78 12.27 -2.88
N ASP D 101 29.11 13.47 -3.38
CA ASP D 101 29.78 13.65 -4.69
C ASP D 101 28.99 12.97 -5.84
N VAL D 102 27.71 13.32 -5.92
CA VAL D 102 26.73 12.64 -6.78
C VAL D 102 27.18 12.66 -8.25
N VAL D 103 27.30 11.47 -8.85
CA VAL D 103 27.58 11.31 -10.28
C VAL D 103 26.26 10.98 -10.99
N CYS D 104 26.29 10.94 -12.32
CA CYS D 104 25.10 10.64 -13.12
C CYS D 104 24.67 9.17 -13.00
N ASP D 105 25.63 8.27 -12.79
CA ASP D 105 25.37 6.84 -12.58
C ASP D 105 24.55 6.54 -11.30
N ASP D 106 24.45 7.50 -10.38
CA ASP D 106 23.68 7.34 -9.13
C ASP D 106 22.17 7.61 -9.29
N ALA D 107 21.77 8.11 -10.47
CA ALA D 107 20.35 8.24 -10.82
C ALA D 107 19.71 6.85 -10.82
N ALA D 108 18.74 6.63 -9.94
CA ALA D 108 18.20 5.29 -9.69
C ALA D 108 17.09 5.32 -8.66
N THR D 109 16.55 4.13 -8.36
CA THR D 109 15.64 3.95 -7.24
C THR D 109 16.35 3.18 -6.10
N TYR D 110 16.29 3.76 -4.89
CA TYR D 110 16.94 3.18 -3.70
C TYR D 110 15.94 2.59 -2.70
N TYR D 111 16.33 1.49 -2.08
CA TYR D 111 15.47 0.77 -1.14
C TYR D 111 16.20 0.41 0.15
N CYS D 112 15.57 0.65 1.31
CA CYS D 112 16.03 0.06 2.59
C CYS D 112 15.39 -1.31 2.76
N ALA D 113 16.12 -2.26 3.34
CA ALA D 113 15.56 -3.56 3.73
C ALA D 113 16.01 -4.00 5.13
N GLY D 114 15.03 -4.24 6.01
CA GLY D 114 15.27 -4.56 7.41
C GLY D 114 14.79 -5.93 7.82
N TYR D 115 15.24 -6.35 9.00
CA TYR D 115 14.96 -7.67 9.54
C TYR D 115 14.82 -7.64 11.08
N LYS D 116 13.79 -8.33 11.60
CA LYS D 116 13.59 -8.51 13.04
C LYS D 116 13.90 -9.95 13.40
N SER D 117 13.21 -10.91 12.81
CA SER D 117 13.40 -12.30 13.20
C SER D 117 12.77 -13.25 12.24
N ASN D 118 13.07 -14.54 12.40
CA ASN D 118 12.56 -15.60 11.51
C ASN D 118 11.08 -15.89 11.77
N SER D 119 10.21 -14.96 11.35
CA SER D 119 8.76 -15.03 11.67
C SER D 119 7.95 -14.14 10.74
N ASP D 120 6.63 -14.20 10.86
CA ASP D 120 5.74 -13.47 9.97
C ASP D 120 6.02 -11.98 9.93
N ASP D 121 6.17 -11.47 8.71
CA ASP D 121 6.60 -10.10 8.41
C ASP D 121 7.99 -9.76 8.93
N GLY D 122 8.81 -10.78 9.18
CA GLY D 122 10.11 -10.61 9.81
C GLY D 122 11.13 -9.82 9.00
N THR D 123 10.97 -9.81 7.68
CA THR D 123 11.79 -9.02 6.77
C THR D 123 10.89 -8.08 5.96
N ALA D 124 11.35 -6.85 5.74
CA ALA D 124 10.55 -5.87 5.03
C ALA D 124 11.43 -5.03 4.12
N PHE D 125 10.82 -4.51 3.06
CA PHE D 125 11.43 -3.49 2.21
C PHE D 125 10.72 -2.15 2.41
N GLY D 126 11.48 -1.06 2.37
CA GLY D 126 10.90 0.27 2.32
C GLY D 126 10.22 0.57 0.99
N GLY D 127 9.40 1.62 0.97
CA GLY D 127 8.63 2.03 -0.20
C GLY D 127 9.46 2.42 -1.42
N GLY D 128 10.65 2.95 -1.19
CA GLY D 128 11.56 3.32 -2.25
C GLY D 128 11.76 4.83 -2.32
N THR D 129 12.93 5.24 -2.80
CA THR D 129 13.18 6.65 -3.13
C THR D 129 13.80 6.77 -4.52
N GLU D 130 13.21 7.63 -5.36
CA GLU D 130 13.76 7.95 -6.68
C GLU D 130 14.74 9.14 -6.58
N VAL D 131 15.99 8.87 -6.91
CA VAL D 131 17.01 9.89 -7.04
C VAL D 131 17.07 10.37 -8.48
N VAL D 132 16.67 11.62 -8.71
CA VAL D 132 16.84 12.30 -9.98
C VAL D 132 18.07 13.19 -9.90
N VAL D 133 19.03 13.00 -10.81
CA VAL D 133 20.24 13.84 -10.83
C VAL D 133 20.15 14.99 -11.87
N LYS D 134 20.11 16.24 -11.36
CA LYS D 134 20.16 17.44 -12.21
C LYS D 134 21.51 17.53 -12.93
N GLY D 135 21.56 17.02 -14.14
CA GLY D 135 22.68 17.28 -15.04
C GLY D 135 22.54 18.65 -15.68
N ASP D 136 23.47 19.00 -16.58
CA ASP D 136 23.40 20.32 -17.21
C ASP D 136 22.37 20.28 -18.37
N PRO D 137 21.53 21.34 -18.52
CA PRO D 137 20.35 21.22 -19.39
C PRO D 137 20.71 21.06 -20.85
N VAL D 138 19.87 20.35 -21.57
CA VAL D 138 19.99 20.15 -23.03
C VAL D 138 18.60 20.16 -23.64
N ALA D 139 18.45 20.85 -24.78
CA ALA D 139 17.17 20.92 -25.48
C ALA D 139 17.02 19.66 -26.32
N PRO D 140 15.77 19.20 -26.51
CA PRO D 140 15.58 17.98 -27.26
C PRO D 140 15.64 18.24 -28.77
N THR D 141 16.19 17.29 -29.51
CA THR D 141 15.92 17.14 -30.94
C THR D 141 14.69 16.21 -31.09
N VAL D 142 13.87 16.46 -32.11
CA VAL D 142 12.62 15.72 -32.28
C VAL D 142 12.56 15.06 -33.66
N LEU D 143 12.12 13.81 -33.66
CA LEU D 143 11.84 13.06 -34.87
C LEU D 143 10.38 12.69 -34.89
N ILE D 144 9.74 12.84 -36.05
CA ILE D 144 8.42 12.28 -36.28
C ILE D 144 8.58 11.12 -37.28
N PHE D 145 7.74 10.12 -37.08
CA PHE D 145 7.77 8.87 -37.82
C PHE D 145 6.36 8.64 -38.35
N PRO D 146 6.14 8.92 -39.64
CA PRO D 146 4.83 8.55 -40.19
C PRO D 146 4.64 7.02 -40.16
N PRO D 147 3.38 6.57 -40.20
CA PRO D 147 3.11 5.13 -40.14
C PRO D 147 3.60 4.42 -41.39
N ALA D 148 4.16 3.24 -41.20
CA ALA D 148 4.46 2.38 -42.32
C ALA D 148 3.19 2.11 -43.17
N ALA D 149 3.39 1.80 -44.45
CA ALA D 149 2.28 1.45 -45.34
C ALA D 149 1.39 0.34 -44.79
N ASP D 150 2.00 -0.61 -44.06
CA ASP D 150 1.33 -1.77 -43.44
C ASP D 150 0.20 -1.41 -42.51
N GLN D 151 0.32 -0.27 -41.81
CA GLN D 151 -0.57 0.05 -40.69
C GLN D 151 -2.00 0.37 -41.06
N VAL D 152 -2.20 1.22 -42.07
CA VAL D 152 -3.54 1.62 -42.50
C VAL D 152 -4.40 0.39 -42.88
N ALA D 153 -3.78 -0.60 -43.54
CA ALA D 153 -4.43 -1.88 -43.89
C ALA D 153 -5.05 -2.63 -42.69
N THR D 154 -4.43 -2.52 -41.52
CA THR D 154 -4.93 -3.17 -40.31
C THR D 154 -6.09 -2.43 -39.61
N GLY D 155 -6.49 -1.25 -40.12
CA GLY D 155 -7.67 -0.54 -39.58
C GLY D 155 -7.32 0.56 -38.60
N THR D 156 -6.49 0.23 -37.60
CA THR D 156 -5.91 1.24 -36.70
C THR D 156 -4.51 1.63 -37.21
N VAL D 157 -4.15 2.89 -37.00
CA VAL D 157 -2.84 3.40 -37.37
C VAL D 157 -2.30 4.23 -36.21
N THR D 158 -1.00 4.09 -35.94
CA THR D 158 -0.33 4.81 -34.86
C THR D 158 0.95 5.50 -35.34
N ILE D 159 1.13 6.73 -34.87
CA ILE D 159 2.12 7.65 -35.37
C ILE D 159 3.06 7.96 -34.21
N VAL D 160 4.37 7.76 -34.40
CA VAL D 160 5.35 7.87 -33.31
C VAL D 160 6.15 9.17 -33.40
N CYS D 161 6.45 9.73 -32.22
CA CYS D 161 7.23 10.96 -32.11
C CYS D 161 8.22 10.81 -31.00
N VAL D 162 9.50 10.93 -31.31
CA VAL D 162 10.55 10.72 -30.32
C VAL D 162 11.36 11.98 -30.07
N ALA D 163 11.82 12.13 -28.84
CA ALA D 163 12.53 13.30 -28.40
C ALA D 163 13.80 12.81 -27.74
N ASN D 164 14.95 13.25 -28.23
CA ASN D 164 16.26 12.70 -27.84
C ASN D 164 17.10 13.59 -26.94
N LYS D 165 17.98 12.94 -26.19
CA LYS D 165 19.01 13.58 -25.34
C LYS D 165 18.56 14.91 -24.75
N TYR D 166 17.71 14.88 -23.72
CA TYR D 166 17.19 16.10 -23.16
C TYR D 166 17.11 16.11 -21.64
N PHE D 167 17.23 17.30 -21.06
CA PHE D 167 16.99 17.53 -19.66
C PHE D 167 16.73 19.02 -19.49
N PRO D 168 15.72 19.45 -18.74
CA PRO D 168 14.85 18.62 -17.90
C PRO D 168 13.61 18.16 -18.68
N ASP D 169 12.67 17.53 -17.99
CA ASP D 169 11.44 16.96 -18.60
C ASP D 169 10.69 17.86 -19.57
N VAL D 170 9.91 17.22 -20.44
CA VAL D 170 9.10 17.89 -21.47
C VAL D 170 7.68 17.39 -21.45
N THR D 171 6.76 18.22 -21.95
CA THR D 171 5.40 17.79 -22.30
C THR D 171 5.29 17.67 -23.82
N VAL D 172 4.21 17.04 -24.30
CA VAL D 172 4.01 16.79 -25.73
C VAL D 172 2.56 17.08 -26.13
N THR D 173 2.38 17.70 -27.29
CA THR D 173 1.07 18.05 -27.80
C THR D 173 0.99 17.54 -29.23
N TRP D 174 -0.17 17.00 -29.59
CA TRP D 174 -0.45 16.47 -30.93
C TRP D 174 -1.55 17.30 -31.59
N GLU D 175 -1.30 17.76 -32.83
CA GLU D 175 -2.33 18.44 -33.62
C GLU D 175 -2.59 17.58 -34.85
N VAL D 176 -3.82 17.60 -35.35
CA VAL D 176 -4.13 17.13 -36.72
C VAL D 176 -4.97 18.19 -37.41
N ASP D 177 -4.44 18.70 -38.53
CA ASP D 177 -4.99 19.88 -39.22
C ASP D 177 -5.14 21.05 -38.26
N GLY D 178 -4.09 21.30 -37.48
CA GLY D 178 -4.05 22.43 -36.56
C GLY D 178 -4.91 22.37 -35.31
N THR D 179 -5.69 21.29 -35.10
CA THR D 179 -6.58 21.15 -33.94
C THR D 179 -5.98 20.15 -32.93
N THR D 180 -5.88 20.57 -31.66
CA THR D 180 -5.22 19.78 -30.60
C THR D 180 -5.92 18.45 -30.36
N GLN D 181 -5.16 17.44 -29.92
CA GLN D 181 -5.70 16.10 -29.65
C GLN D 181 -5.72 15.74 -28.18
N THR D 182 -6.83 15.13 -27.75
CA THR D 182 -7.08 14.76 -26.35
C THR D 182 -6.87 13.28 -26.06
N THR D 183 -7.35 12.42 -26.97
CA THR D 183 -7.32 10.96 -26.75
C THR D 183 -6.45 10.29 -27.81
N GLY D 184 -6.10 9.03 -27.56
CA GLY D 184 -5.28 8.21 -28.46
C GLY D 184 -3.79 8.35 -28.26
N ILE D 185 -3.38 8.97 -27.15
CA ILE D 185 -1.98 9.36 -26.91
C ILE D 185 -1.34 8.48 -25.85
N GLU D 186 -0.06 8.16 -26.02
CA GLU D 186 0.70 7.34 -25.05
C GLU D 186 2.19 7.69 -25.03
N ASN D 187 2.67 8.18 -23.89
CA ASN D 187 4.08 8.59 -23.72
C ASN D 187 4.85 7.56 -22.92
N SER D 188 6.17 7.50 -23.13
CA SER D 188 7.06 6.57 -22.42
C SER D 188 8.48 7.12 -22.39
N LYS D 189 9.09 7.11 -21.21
CA LYS D 189 10.34 7.83 -20.96
C LYS D 189 11.43 6.87 -20.54
N THR D 190 12.61 6.99 -21.13
CA THR D 190 13.80 6.23 -20.75
C THR D 190 14.31 6.70 -19.37
N PRO D 191 15.04 5.82 -18.66
CA PRO D 191 15.74 6.32 -17.47
C PRO D 191 16.82 7.35 -17.83
N GLN D 192 17.35 8.06 -16.85
CA GLN D 192 18.45 8.99 -17.06
C GLN D 192 19.68 8.24 -17.54
N ASN D 193 20.40 8.86 -18.47
CA ASN D 193 21.64 8.31 -18.96
C ASN D 193 22.65 8.35 -17.82
N SER D 194 23.35 7.25 -17.59
CA SER D 194 24.41 7.21 -16.56
C SER D 194 25.66 8.06 -16.86
N ALA D 195 25.87 8.45 -18.11
CA ALA D 195 27.02 9.27 -18.50
C ALA D 195 26.71 10.78 -18.46
N ASP D 196 25.51 11.17 -18.91
CA ASP D 196 25.15 12.60 -19.03
C ASP D 196 23.79 13.06 -18.45
N CYS D 197 23.01 12.15 -17.87
CA CYS D 197 21.81 12.51 -17.11
C CYS D 197 20.57 12.84 -17.95
N THR D 198 20.64 12.62 -19.25
CA THR D 198 19.53 12.96 -20.13
C THR D 198 18.48 11.84 -20.21
N TYR D 199 17.24 12.26 -20.42
CA TYR D 199 16.14 11.40 -20.77
C TYR D 199 15.99 11.27 -22.30
N ASN D 200 15.23 10.27 -22.71
CA ASN D 200 14.66 10.17 -24.07
C ASN D 200 13.21 9.83 -23.89
N LEU D 201 12.37 10.29 -24.81
CA LEU D 201 10.95 10.06 -24.71
C LEU D 201 10.37 9.68 -26.05
N SER D 202 9.40 8.79 -26.01
CA SER D 202 8.64 8.37 -27.17
C SER D 202 7.18 8.61 -26.84
N SER D 203 6.46 9.20 -27.80
CA SER D 203 5.04 9.51 -27.66
C SER D 203 4.35 9.03 -28.92
N THR D 204 3.23 8.34 -28.76
CA THR D 204 2.48 7.79 -29.89
C THR D 204 1.10 8.42 -29.97
N LEU D 205 0.57 8.58 -31.18
CA LEU D 205 -0.81 8.98 -31.39
C LEU D 205 -1.48 7.92 -32.26
N THR D 206 -2.62 7.42 -31.78
CA THR D 206 -3.33 6.31 -32.38
C THR D 206 -4.66 6.81 -32.95
N LEU D 207 -5.01 6.38 -34.16
CA LEU D 207 -6.26 6.78 -34.80
C LEU D 207 -6.83 5.64 -35.60
N THR D 208 -8.11 5.73 -35.96
CA THR D 208 -8.70 4.79 -36.92
C THR D 208 -8.21 5.17 -38.33
N SER D 209 -8.19 4.19 -39.23
CA SER D 209 -7.79 4.45 -40.62
C SER D 209 -8.68 5.48 -41.32
N THR D 210 -9.97 5.53 -40.99
CA THR D 210 -10.90 6.53 -41.52
C THR D 210 -10.61 7.94 -40.97
N GLN D 211 -10.14 8.04 -39.73
CA GLN D 211 -9.65 9.33 -39.19
C GLN D 211 -8.35 9.77 -39.86
N TYR D 212 -7.42 8.82 -40.04
CA TYR D 212 -6.12 9.10 -40.68
C TYR D 212 -6.27 9.50 -42.15
N ASN D 213 -7.08 8.73 -42.89
CA ASN D 213 -7.32 9.01 -44.30
C ASN D 213 -8.30 10.17 -44.59
N SER D 214 -8.77 10.86 -43.54
CA SER D 214 -9.53 12.11 -43.69
C SER D 214 -8.61 13.33 -43.63
N HIS D 215 -7.87 13.46 -42.54
CA HIS D 215 -7.03 14.64 -42.31
C HIS D 215 -5.66 14.53 -43.02
N LYS D 216 -4.91 15.65 -43.07
CA LYS D 216 -3.61 15.74 -43.80
C LYS D 216 -2.39 16.19 -42.98
N GLU D 217 -2.46 17.35 -42.31
CA GLU D 217 -1.32 17.90 -41.55
C GLU D 217 -1.26 17.34 -40.12
N TYR D 218 -0.25 16.50 -39.83
CA TYR D 218 -0.10 15.81 -38.52
C TYR D 218 1.15 16.29 -37.80
N THR D 219 0.98 16.76 -36.57
CA THR D 219 1.99 17.53 -35.88
C THR D 219 2.34 16.94 -34.52
N CYS D 220 3.60 17.10 -34.14
CA CYS D 220 4.10 16.71 -32.83
C CYS D 220 4.88 17.88 -32.21
N LYS D 221 4.36 18.45 -31.13
CA LYS D 221 4.92 19.64 -30.51
C LYS D 221 5.44 19.30 -29.12
N VAL D 222 6.76 19.23 -28.97
CA VAL D 222 7.41 19.06 -27.66
C VAL D 222 7.79 20.44 -27.12
N THR D 223 7.73 20.57 -25.79
CA THR D 223 7.95 21.85 -25.12
C THR D 223 8.75 21.60 -23.85
N GLN D 224 9.70 22.49 -23.58
CA GLN D 224 10.61 22.39 -22.44
C GLN D 224 10.63 23.75 -21.75
N GLY D 225 9.48 24.11 -21.17
CA GLY D 225 9.34 25.39 -20.48
C GLY D 225 9.18 26.51 -21.48
N THR D 226 10.30 27.19 -21.77
CA THR D 226 10.35 28.28 -22.77
C THR D 226 10.46 27.77 -24.22
N THR D 227 11.40 26.86 -24.45
CA THR D 227 11.67 26.29 -25.79
C THR D 227 10.60 25.27 -26.24
N SER D 228 10.32 25.27 -27.54
CA SER D 228 9.42 24.29 -28.15
C SER D 228 10.07 23.76 -29.44
N VAL D 229 9.70 22.54 -29.82
CA VAL D 229 10.18 21.94 -31.06
C VAL D 229 9.02 21.25 -31.76
N VAL D 230 8.48 21.91 -32.78
CA VAL D 230 7.42 21.32 -33.58
C VAL D 230 8.06 20.50 -34.71
N GLN D 231 7.39 19.42 -35.08
CA GLN D 231 7.83 18.53 -36.16
C GLN D 231 6.58 17.96 -36.83
N SER D 232 6.54 17.98 -38.16
CA SER D 232 5.30 17.74 -38.88
C SER D 232 5.51 17.04 -40.22
N PHE D 233 4.42 16.47 -40.72
CA PHE D 233 4.39 15.79 -42.02
C PHE D 233 2.97 15.77 -42.59
N ASN D 234 2.86 15.79 -43.90
CA ASN D 234 1.56 15.69 -44.60
C ASN D 234 1.37 14.29 -45.12
N ARG D 235 0.17 13.76 -44.95
CA ARG D 235 -0.14 12.37 -45.37
C ARG D 235 0.07 12.20 -46.87
N GLY D 236 0.70 11.08 -47.24
CA GLY D 236 1.01 10.79 -48.63
C GLY D 236 2.03 11.72 -49.30
N ASP D 237 2.89 12.36 -48.51
CA ASP D 237 3.95 13.20 -49.08
C ASP D 237 5.21 12.40 -49.38
N CYS D 238 5.63 12.48 -50.66
CA CYS D 238 6.96 12.06 -51.15
C CYS D 238 7.55 13.11 -52.13
N ALA D 239 7.77 14.33 -51.62
CA ALA D 239 8.40 15.42 -52.35
C ALA D 239 9.91 15.20 -52.45
#